data_1ZXJ
#
_entry.id   1ZXJ
#
_cell.length_a   132.370
_cell.length_b   45.590
_cell.length_c   153.930
_cell.angle_alpha   90.00
_cell.angle_beta   111.40
_cell.angle_gamma   90.00
#
_symmetry.space_group_name_H-M   'C 1 2 1'
#
loop_
_entity.id
_entity.type
_entity.pdbx_description
1 polymer 'Hypothetical protein MG377 homolog'
2 water water
#
_entity_poly.entity_id   1
_entity_poly.type   'polypeptide(L)'
_entity_poly.pdbx_seq_one_letter_code
;MGSSHHHHHHDYDIPTTENLYFQGHMATNLKSTAKLVKPIQYDEVIEVERIFADPAFIEQHRQRILASFKDAKESALYHE
LTHIVIKDNLFSCAMNAIVGYFEFNIDEAELKNVMEGLKRDVIQGAEDNTVQAIAEKIIKKALVFNHLQKEWKVEITDEV
VKNVISLYYEKTNQSVREYLDDKQKFEGVRTALLEERMVLETINHFKFHFNLTGQLPN
;
_entity_poly.pdbx_strand_id   A,B,C,D
#
# COMPACT_ATOMS: atom_id res chain seq x y z
N ASP A 11 2.60 -4.57 -6.35
CA ASP A 11 2.89 -5.59 -7.40
C ASP A 11 4.23 -6.31 -7.22
N TYR A 12 4.17 -7.60 -6.94
CA TYR A 12 5.39 -8.38 -6.78
C TYR A 12 5.70 -9.17 -8.05
N ASP A 13 6.33 -8.45 -8.99
CA ASP A 13 6.69 -8.92 -10.33
C ASP A 13 7.80 -9.99 -10.35
N ILE A 14 7.95 -10.78 -9.28
CA ILE A 14 8.99 -11.80 -9.27
C ILE A 14 8.55 -13.12 -8.62
N PHE A 22 8.68 -16.97 -12.80
CA PHE A 22 8.08 -17.48 -14.03
C PHE A 22 8.68 -18.83 -14.39
N GLN A 23 8.88 -19.66 -13.37
CA GLN A 23 9.48 -20.97 -13.58
C GLN A 23 8.98 -22.04 -12.63
N GLY A 24 8.58 -21.64 -11.43
CA GLY A 24 8.08 -22.57 -10.42
C GLY A 24 7.37 -23.74 -11.08
N HIS A 25 6.37 -23.44 -11.92
CA HIS A 25 5.62 -24.48 -12.61
C HIS A 25 6.33 -24.88 -13.89
N MET A 26 5.92 -24.27 -15.02
CA MET A 26 6.54 -24.56 -16.30
C MET A 26 7.81 -23.73 -16.47
N ALA A 27 8.85 -24.36 -16.99
CA ALA A 27 10.13 -23.67 -17.21
C ALA A 27 9.96 -22.41 -18.04
N ASN A 29 10.50 -21.11 -26.36
CA ASN A 29 9.53 -20.40 -27.19
C ASN A 29 8.11 -20.61 -26.66
N LEU A 30 7.34 -19.53 -26.65
CA LEU A 30 5.97 -19.54 -26.17
C LEU A 30 5.08 -19.09 -27.31
N LYS A 31 3.82 -19.50 -27.29
CA LYS A 31 2.88 -19.09 -28.34
C LYS A 31 2.58 -17.60 -28.24
N SER A 32 3.04 -16.96 -27.16
CA SER A 32 2.81 -15.54 -26.97
C SER A 32 3.97 -14.76 -27.54
N THR A 33 3.68 -13.57 -28.05
CA THR A 33 4.73 -12.77 -28.66
C THR A 33 4.88 -11.38 -28.06
N ALA A 34 6.10 -10.87 -28.10
CA ALA A 34 6.41 -9.54 -27.59
C ALA A 34 7.21 -8.74 -28.62
N LYS A 35 6.65 -7.61 -29.03
CA LYS A 35 7.28 -6.75 -30.03
C LYS A 35 7.80 -5.44 -29.43
N LEU A 36 9.05 -5.09 -29.75
CA LEU A 36 9.62 -3.85 -29.24
C LEU A 36 9.27 -2.63 -30.08
N VAL A 37 8.23 -1.90 -29.67
CA VAL A 37 7.75 -0.71 -30.38
C VAL A 37 8.73 0.47 -30.46
N LYS A 38 9.32 0.87 -29.34
CA LYS A 38 10.27 1.98 -29.32
C LYS A 38 11.56 1.49 -28.68
N PRO A 39 12.65 2.24 -28.85
CA PRO A 39 13.91 1.80 -28.24
C PRO A 39 13.86 2.17 -26.75
N ILE A 40 14.44 1.33 -25.89
CA ILE A 40 14.43 1.58 -24.44
C ILE A 40 15.37 2.71 -24.01
N GLN A 41 14.89 3.56 -23.11
CA GLN A 41 15.68 4.70 -22.65
C GLN A 41 16.37 4.49 -21.32
N TYR A 42 17.51 3.81 -21.37
CA TYR A 42 18.27 3.53 -20.16
C TYR A 42 18.76 4.76 -19.42
N ASP A 43 18.52 5.93 -19.98
CA ASP A 43 18.96 7.16 -19.33
C ASP A 43 17.83 7.78 -18.52
N GLU A 44 16.59 7.45 -18.85
CA GLU A 44 15.46 7.96 -18.09
C GLU A 44 15.58 7.26 -16.75
N VAL A 45 15.60 8.03 -15.66
CA VAL A 45 15.72 7.48 -14.32
C VAL A 45 14.39 6.86 -13.89
N ILE A 46 14.47 5.78 -13.12
CA ILE A 46 13.31 5.07 -12.60
C ILE A 46 12.98 5.57 -11.21
N GLU A 47 11.72 5.89 -10.99
CA GLU A 47 11.29 6.37 -9.69
C GLU A 47 10.90 5.16 -8.85
N VAL A 48 11.44 5.06 -7.65
CA VAL A 48 11.09 3.96 -6.78
C VAL A 48 10.13 4.47 -5.72
N GLU A 49 8.94 3.89 -5.66
CA GLU A 49 7.95 4.32 -4.69
C GLU A 49 8.19 3.90 -3.24
N ARG A 50 8.78 2.73 -3.00
CA ARG A 50 9.02 2.36 -1.61
C ARG A 50 10.33 1.66 -1.37
N ILE A 51 10.82 1.83 -0.15
CA ILE A 51 12.07 1.26 0.35
C ILE A 51 11.84 0.00 1.21
N PHE A 52 10.57 -0.37 1.39
CA PHE A 52 10.22 -1.50 2.23
C PHE A 52 9.26 -2.48 1.56
N ALA A 53 8.91 -3.54 2.26
CA ALA A 53 7.96 -4.50 1.72
C ALA A 53 6.94 -4.79 2.82
N ASP A 54 5.81 -5.35 2.44
CA ASP A 54 4.82 -5.65 3.43
C ASP A 54 5.16 -6.98 4.10
N PRO A 55 4.75 -7.15 5.35
CA PRO A 55 4.99 -8.36 6.18
C PRO A 55 4.68 -9.67 5.47
N ALA A 56 3.51 -9.75 4.86
CA ALA A 56 3.06 -10.94 4.16
C ALA A 56 4.12 -11.47 3.21
N PHE A 57 4.81 -10.54 2.57
CA PHE A 57 5.84 -10.85 1.62
C PHE A 57 7.14 -11.30 2.29
N ILE A 58 7.57 -10.61 3.35
CA ILE A 58 8.81 -11.02 4.00
C ILE A 58 8.64 -12.40 4.62
N GLU A 59 7.45 -12.68 5.15
CA GLU A 59 7.16 -13.97 5.76
C GLU A 59 7.14 -15.10 4.74
N GLN A 60 6.45 -14.86 3.64
CA GLN A 60 6.35 -15.86 2.60
C GLN A 60 7.74 -16.31 2.17
N HIS A 61 8.69 -15.38 2.17
CA HIS A 61 10.04 -15.72 1.77
C HIS A 61 10.78 -16.34 2.96
N ARG A 62 10.48 -15.89 4.17
CA ARG A 62 11.18 -16.45 5.31
C ARG A 62 10.86 -17.95 5.44
N GLN A 63 9.62 -18.32 5.20
CA GLN A 63 9.25 -19.72 5.28
C GLN A 63 9.93 -20.49 4.16
N ARG A 64 10.25 -19.81 3.07
CA ARG A 64 10.90 -20.46 1.95
C ARG A 64 12.37 -20.75 2.26
N ILE A 65 13.00 -19.87 3.05
CA ILE A 65 14.39 -20.05 3.42
C ILE A 65 14.56 -21.08 4.55
N LEU A 66 13.50 -21.29 5.33
CA LEU A 66 13.53 -22.24 6.43
C LEU A 66 13.16 -23.64 5.97
N ALA A 67 12.53 -23.71 4.80
CA ALA A 67 12.11 -24.97 4.23
C ALA A 67 13.26 -25.61 3.47
N SER A 68 14.30 -24.85 3.21
CA SER A 68 15.47 -25.35 2.49
C SER A 68 16.70 -25.32 3.38
N PHE A 69 16.62 -24.58 4.48
CA PHE A 69 17.73 -24.48 5.40
C PHE A 69 17.17 -24.40 6.80
N LYS A 70 16.42 -25.44 7.16
CA LYS A 70 15.77 -25.59 8.45
C LYS A 70 16.49 -24.91 9.63
N ASP A 71 17.81 -25.09 9.72
CA ASP A 71 18.58 -24.49 10.79
C ASP A 71 19.26 -23.17 10.45
N ALA A 72 18.63 -22.39 9.57
CA ALA A 72 19.20 -21.11 9.17
C ALA A 72 19.12 -20.14 10.34
N LYS A 73 20.22 -19.48 10.65
CA LYS A 73 20.24 -18.52 11.75
C LYS A 73 19.71 -17.13 11.37
N GLU A 74 19.48 -16.31 12.39
CA GLU A 74 18.96 -14.95 12.25
C GLU A 74 19.81 -14.09 11.33
N SER A 75 21.05 -13.80 11.76
CA SER A 75 21.97 -12.98 10.98
C SER A 75 21.85 -13.27 9.51
N ALA A 76 21.62 -14.55 9.20
CA ALA A 76 21.49 -15.01 7.83
C ALA A 76 20.23 -14.52 7.18
N LEU A 77 19.09 -14.73 7.84
CA LEU A 77 17.81 -14.32 7.31
C LEU A 77 17.75 -12.83 6.96
N TYR A 78 18.19 -11.99 7.89
CA TYR A 78 18.18 -10.55 7.67
C TYR A 78 18.90 -10.27 6.38
N HIS A 79 20.07 -10.86 6.23
CA HIS A 79 20.86 -10.65 5.05
C HIS A 79 20.10 -11.01 3.78
N GLU A 80 19.69 -12.25 3.68
CA GLU A 80 19.00 -12.71 2.50
C GLU A 80 17.70 -11.92 2.33
N LEU A 81 16.93 -11.78 3.41
CA LEU A 81 15.67 -11.05 3.33
C LEU A 81 15.85 -9.59 2.89
N THR A 82 16.86 -8.92 3.44
CA THR A 82 17.09 -7.54 3.05
C THR A 82 17.26 -7.48 1.56
N HIS A 83 18.05 -8.39 1.02
CA HIS A 83 18.27 -8.42 -0.41
C HIS A 83 17.01 -8.65 -1.20
N ILE A 84 16.16 -9.54 -0.73
CA ILE A 84 14.91 -9.82 -1.41
C ILE A 84 14.10 -8.54 -1.57
N VAL A 85 14.14 -7.66 -0.57
CA VAL A 85 13.36 -6.42 -0.62
C VAL A 85 13.89 -5.40 -1.64
N ILE A 86 15.19 -5.10 -1.61
CA ILE A 86 15.74 -4.18 -2.57
C ILE A 86 15.54 -4.63 -4.01
N LYS A 87 15.91 -5.86 -4.31
CA LYS A 87 15.74 -6.42 -5.65
C LYS A 87 14.31 -6.33 -6.07
N ASP A 88 13.41 -6.65 -5.16
CA ASP A 88 12.00 -6.63 -5.49
C ASP A 88 11.43 -5.23 -5.76
N ASN A 89 11.84 -4.29 -4.93
CA ASN A 89 11.40 -2.92 -5.12
C ASN A 89 12.05 -2.35 -6.39
N LEU A 90 13.33 -2.64 -6.61
CA LEU A 90 14.03 -2.16 -7.81
C LEU A 90 13.64 -2.90 -9.09
N PHE A 91 13.46 -4.22 -9.00
CA PHE A 91 13.14 -4.98 -10.20
C PHE A 91 11.77 -4.64 -10.70
N SER A 92 10.84 -4.49 -9.78
CA SER A 92 9.46 -4.18 -10.11
C SER A 92 9.31 -2.83 -10.78
N CYS A 93 10.03 -1.82 -10.27
CA CYS A 93 9.94 -0.48 -10.83
C CYS A 93 10.64 -0.36 -12.19
N ALA A 94 11.69 -1.13 -12.40
CA ALA A 94 12.40 -1.10 -13.68
C ALA A 94 11.58 -1.84 -14.71
N MET A 95 10.96 -2.91 -14.26
CA MET A 95 10.16 -3.71 -15.17
C MET A 95 8.97 -2.85 -15.63
N ASN A 96 8.36 -2.11 -14.70
CA ASN A 96 7.22 -1.28 -15.04
C ASN A 96 7.51 -0.24 -16.11
N ALA A 97 8.78 0.10 -16.29
CA ALA A 97 9.16 1.06 -17.31
C ALA A 97 9.39 0.29 -18.60
N ILE A 98 10.13 -0.81 -18.49
CA ILE A 98 10.48 -1.64 -19.63
C ILE A 98 9.27 -2.20 -20.40
N VAL A 99 8.19 -2.47 -19.68
CA VAL A 99 6.99 -3.03 -20.32
C VAL A 99 6.30 -1.97 -21.17
N GLY A 100 6.74 -0.73 -21.01
CA GLY A 100 6.15 0.36 -21.76
C GLY A 100 6.65 0.48 -23.18
N TYR A 101 7.68 -0.29 -23.53
CA TYR A 101 8.26 -0.27 -24.88
C TYR A 101 7.88 -1.47 -25.68
N PHE A 102 6.94 -2.26 -25.19
CA PHE A 102 6.58 -3.46 -25.92
C PHE A 102 5.11 -3.59 -26.26
N GLU A 103 4.86 -4.35 -27.31
CA GLU A 103 3.52 -4.62 -27.76
C GLU A 103 3.41 -6.08 -27.35
N PHE A 104 2.31 -6.46 -26.72
CA PHE A 104 2.18 -7.84 -26.29
C PHE A 104 0.99 -8.52 -26.90
N ASN A 105 1.18 -9.76 -27.32
CA ASN A 105 0.08 -10.53 -27.84
C ASN A 105 0.07 -11.80 -26.99
N ILE A 106 -0.80 -11.80 -25.99
CA ILE A 106 -0.91 -12.91 -25.06
C ILE A 106 -1.84 -13.97 -25.60
N ASP A 107 -1.29 -15.15 -25.87
CA ASP A 107 -2.07 -16.26 -26.40
C ASP A 107 -3.19 -16.72 -25.47
N GLU A 108 -4.42 -16.68 -25.98
CA GLU A 108 -5.62 -17.06 -25.23
C GLU A 108 -5.48 -18.28 -24.32
N ALA A 109 -5.03 -19.40 -24.88
CA ALA A 109 -4.88 -20.63 -24.10
C ALA A 109 -3.64 -20.67 -23.21
N GLU A 110 -2.55 -20.06 -23.69
CA GLU A 110 -1.32 -20.05 -22.90
C GLU A 110 -1.58 -19.38 -21.57
N LEU A 111 -2.46 -18.38 -21.56
CA LEU A 111 -2.79 -17.66 -20.34
C LEU A 111 -3.54 -18.58 -19.37
N LYS A 112 -4.44 -19.41 -19.89
CA LYS A 112 -5.20 -20.33 -19.03
C LYS A 112 -4.32 -21.40 -18.41
N ASN A 113 -3.27 -21.81 -19.14
CA ASN A 113 -2.35 -22.82 -18.62
C ASN A 113 -1.50 -22.27 -17.49
N VAL A 114 -1.22 -20.97 -17.53
CA VAL A 114 -0.41 -20.35 -16.50
C VAL A 114 -1.26 -20.18 -15.27
N MET A 115 -2.53 -19.84 -15.47
CA MET A 115 -3.42 -19.66 -14.34
C MET A 115 -3.56 -20.98 -13.57
N GLU A 116 -3.14 -22.07 -14.18
CA GLU A 116 -3.22 -23.39 -13.56
C GLU A 116 -2.17 -23.64 -12.50
N GLY A 117 -0.90 -23.53 -12.89
CA GLY A 117 0.19 -23.74 -11.95
C GLY A 117 0.05 -22.80 -10.77
N LEU A 118 -0.61 -21.67 -10.99
CA LEU A 118 -0.84 -20.66 -9.95
C LEU A 118 -2.12 -20.98 -9.18
N LYS A 119 -3.04 -21.68 -9.84
CA LYS A 119 -4.32 -22.06 -9.24
C LYS A 119 -4.13 -23.27 -8.32
N ARG A 120 -3.02 -23.98 -8.50
CA ARG A 120 -2.72 -25.15 -7.69
C ARG A 120 -1.96 -24.78 -6.41
N ASP A 121 -1.12 -23.75 -6.47
CA ASP A 121 -0.36 -23.32 -5.29
C ASP A 121 -1.24 -22.48 -4.35
N GLU A 127 -8.99 -12.53 -6.52
CA GLU A 127 -9.73 -13.77 -6.32
C GLU A 127 -9.60 -14.64 -7.57
N ASP A 128 -9.76 -14.02 -8.72
CA ASP A 128 -9.69 -14.73 -10.00
C ASP A 128 -9.06 -13.81 -11.04
N ASN A 129 -9.64 -12.63 -11.20
CA ASN A 129 -9.14 -11.63 -12.14
C ASN A 129 -7.72 -11.29 -11.73
N THR A 130 -7.45 -11.47 -10.44
CA THR A 130 -6.13 -11.19 -9.88
C THR A 130 -5.17 -12.25 -10.43
N VAL A 131 -5.64 -13.49 -10.46
CA VAL A 131 -4.83 -14.59 -10.96
C VAL A 131 -4.53 -14.36 -12.44
N GLN A 132 -5.49 -13.87 -13.19
CA GLN A 132 -5.25 -13.63 -14.60
C GLN A 132 -4.32 -12.43 -14.81
N ALA A 133 -4.35 -11.49 -13.89
CA ALA A 133 -3.47 -10.33 -14.00
C ALA A 133 -2.07 -10.87 -13.77
N ILE A 134 -1.92 -11.71 -12.75
CA ILE A 134 -0.66 -12.34 -12.40
C ILE A 134 -0.11 -13.20 -13.54
N ALA A 135 -0.94 -14.10 -14.05
CA ALA A 135 -0.53 -14.95 -15.16
C ALA A 135 -0.05 -14.06 -16.29
N GLU A 136 -0.76 -12.96 -16.53
CA GLU A 136 -0.41 -12.00 -17.57
C GLU A 136 0.96 -11.41 -17.35
N LYS A 137 1.31 -11.15 -16.09
CA LYS A 137 2.60 -10.55 -15.82
C LYS A 137 3.75 -11.54 -15.89
N ILE A 138 3.46 -12.80 -15.63
CA ILE A 138 4.48 -13.83 -15.69
C ILE A 138 4.93 -13.96 -17.14
N ILE A 139 3.96 -14.01 -18.05
CA ILE A 139 4.20 -14.13 -19.48
C ILE A 139 4.97 -12.94 -20.06
N LYS A 140 4.51 -11.74 -19.76
CA LYS A 140 5.16 -10.52 -20.25
C LYS A 140 6.63 -10.53 -19.85
N LYS A 141 6.87 -10.77 -18.57
CA LYS A 141 8.22 -10.84 -18.03
C LYS A 141 9.02 -11.85 -18.86
N ALA A 142 8.46 -13.03 -19.06
CA ALA A 142 9.12 -14.06 -19.84
C ALA A 142 9.59 -13.51 -21.19
N LEU A 143 8.62 -13.04 -21.98
CA LEU A 143 8.89 -12.45 -23.28
C LEU A 143 9.95 -11.37 -23.24
N VAL A 144 9.91 -10.52 -22.22
CA VAL A 144 10.90 -9.46 -22.18
C VAL A 144 12.28 -10.00 -21.88
N PHE A 145 12.36 -10.96 -20.98
CA PHE A 145 13.64 -11.56 -20.65
C PHE A 145 14.21 -12.29 -21.85
N ASN A 146 13.35 -12.95 -22.60
CA ASN A 146 13.81 -13.66 -23.79
C ASN A 146 14.52 -12.65 -24.66
N HIS A 147 13.92 -11.47 -24.76
CA HIS A 147 14.42 -10.38 -25.58
C HIS A 147 15.80 -9.84 -25.20
N LEU A 148 15.93 -9.34 -23.98
CA LEU A 148 17.18 -8.76 -23.54
C LEU A 148 18.33 -9.76 -23.43
N GLN A 149 18.01 -11.03 -23.22
CA GLN A 149 19.06 -12.05 -23.14
C GLN A 149 19.90 -11.85 -24.38
N LYS A 150 19.21 -11.67 -25.51
CA LYS A 150 19.88 -11.39 -26.78
C LYS A 150 20.75 -10.14 -26.58
N GLU A 151 20.10 -8.99 -26.59
CA GLU A 151 20.80 -7.71 -26.43
C GLU A 151 21.99 -7.78 -25.46
N TRP A 152 21.75 -8.18 -24.21
CA TRP A 152 22.83 -8.23 -23.22
C TRP A 152 23.73 -9.44 -23.32
N LYS A 153 23.33 -10.42 -24.11
CA LYS A 153 24.13 -11.64 -24.25
C LYS A 153 24.34 -12.23 -22.86
N VAL A 154 23.39 -13.06 -22.43
CA VAL A 154 23.49 -13.66 -21.11
C VAL A 154 23.31 -15.16 -21.18
N GLU A 155 24.17 -15.87 -20.46
CA GLU A 155 24.08 -17.31 -20.44
C GLU A 155 24.64 -17.97 -19.19
N ILE A 156 23.98 -19.03 -18.78
CA ILE A 156 24.36 -19.82 -17.62
C ILE A 156 24.96 -21.09 -18.19
N THR A 157 26.25 -21.30 -17.98
CA THR A 157 26.97 -22.47 -18.48
C THR A 157 26.78 -23.69 -17.58
N ASP A 158 27.11 -24.88 -18.10
CA ASP A 158 26.97 -26.10 -17.30
C ASP A 158 27.85 -26.00 -16.08
N GLU A 159 28.98 -25.30 -16.21
CA GLU A 159 29.88 -25.15 -15.08
C GLU A 159 29.15 -24.52 -13.92
N VAL A 160 28.58 -23.35 -14.18
CA VAL A 160 27.83 -22.62 -13.18
C VAL A 160 26.79 -23.51 -12.52
N VAL A 161 25.93 -24.12 -13.33
CA VAL A 161 24.90 -24.99 -12.79
C VAL A 161 25.42 -26.04 -11.84
N LYS A 162 26.45 -26.75 -12.28
CA LYS A 162 27.07 -27.81 -11.48
C LYS A 162 27.56 -27.31 -10.13
N ASN A 163 28.27 -26.18 -10.14
CA ASN A 163 28.81 -25.62 -8.91
C ASN A 163 27.65 -25.23 -7.99
N VAL A 164 26.63 -24.63 -8.57
CA VAL A 164 25.47 -24.20 -7.81
C VAL A 164 24.86 -25.37 -7.05
N ILE A 165 24.64 -26.49 -7.72
CA ILE A 165 24.05 -27.64 -7.09
C ILE A 165 24.95 -28.18 -5.98
N SER A 166 26.24 -28.20 -6.26
CA SER A 166 27.20 -28.69 -5.30
C SER A 166 27.14 -27.89 -4.01
N LEU A 167 27.25 -26.57 -4.12
CA LEU A 167 27.22 -25.71 -2.94
C LEU A 167 25.94 -25.91 -2.14
N TYR A 168 24.88 -26.38 -2.79
CA TYR A 168 23.62 -26.61 -2.11
C TYR A 168 23.67 -27.87 -1.27
N TYR A 169 24.47 -28.83 -1.72
CA TYR A 169 24.62 -30.10 -1.01
C TYR A 169 25.55 -29.91 0.20
N GLU A 170 26.43 -28.92 0.12
CA GLU A 170 27.36 -28.66 1.22
C GLU A 170 26.65 -28.01 2.40
N LYS A 171 25.98 -26.89 2.16
CA LYS A 171 25.28 -26.20 3.25
C LYS A 171 24.07 -26.98 3.72
N THR A 172 23.47 -27.74 2.82
CA THR A 172 22.31 -28.55 3.18
C THR A 172 22.88 -29.95 3.39
N ASN A 173 22.20 -30.97 2.88
CA ASN A 173 22.70 -32.32 3.01
C ASN A 173 21.85 -33.28 2.21
N GLN A 174 20.73 -32.80 1.72
CA GLN A 174 19.85 -33.66 0.94
C GLN A 174 20.37 -34.03 -0.42
N SER A 175 19.76 -35.09 -0.96
CA SER A 175 20.11 -35.63 -2.25
C SER A 175 19.86 -34.67 -3.40
N VAL A 176 20.92 -34.35 -4.12
CA VAL A 176 20.82 -33.46 -5.26
C VAL A 176 21.35 -34.22 -6.46
N ARG A 177 21.83 -35.43 -6.19
CA ARG A 177 22.36 -36.30 -7.22
C ARG A 177 21.35 -36.36 -8.36
N GLU A 178 20.08 -36.40 -7.98
CA GLU A 178 18.99 -36.45 -8.94
C GLU A 178 19.00 -35.24 -9.87
N TYR A 179 19.56 -34.12 -9.41
CA TYR A 179 19.64 -32.90 -10.20
C TYR A 179 20.85 -32.86 -11.13
N LEU A 180 21.93 -33.51 -10.73
CA LEU A 180 23.13 -33.51 -11.54
C LEU A 180 22.97 -34.31 -12.81
N ASP A 181 22.54 -35.55 -12.66
CA ASP A 181 22.38 -36.46 -13.78
C ASP A 181 20.96 -36.82 -14.23
N ASP A 182 20.26 -35.83 -14.78
CA ASP A 182 18.89 -36.01 -15.26
C ASP A 182 18.51 -34.76 -16.04
N LYS A 183 18.85 -34.76 -17.32
CA LYS A 183 18.59 -33.65 -18.22
C LYS A 183 17.40 -32.75 -17.84
N GLN A 184 16.27 -33.34 -17.46
CA GLN A 184 15.10 -32.55 -17.11
C GLN A 184 15.34 -31.64 -15.90
N LYS A 185 15.79 -32.25 -14.80
CA LYS A 185 16.03 -31.51 -13.58
C LYS A 185 17.21 -30.58 -13.68
N PHE A 186 18.30 -31.07 -14.25
CA PHE A 186 19.51 -30.27 -14.40
C PHE A 186 19.23 -29.00 -15.20
N GLU A 187 18.56 -29.14 -16.34
CA GLU A 187 18.22 -28.01 -17.20
C GLU A 187 17.20 -27.14 -16.47
N GLY A 188 16.59 -27.71 -15.44
CA GLY A 188 15.63 -26.96 -14.67
C GLY A 188 16.35 -25.90 -13.84
N VAL A 189 17.47 -26.29 -13.24
CA VAL A 189 18.26 -25.40 -12.41
C VAL A 189 18.86 -24.27 -13.23
N ARG A 190 19.18 -24.54 -14.50
CA ARG A 190 19.76 -23.52 -15.35
C ARG A 190 18.74 -22.40 -15.53
N THR A 191 17.48 -22.77 -15.73
CA THR A 191 16.40 -21.80 -15.91
C THR A 191 16.32 -20.85 -14.73
N ALA A 192 16.20 -21.43 -13.54
CA ALA A 192 16.13 -20.64 -12.32
C ALA A 192 17.29 -19.68 -12.19
N LEU A 193 18.51 -20.16 -12.42
CA LEU A 193 19.69 -19.32 -12.32
C LEU A 193 19.67 -18.21 -13.35
N LEU A 194 19.16 -18.52 -14.53
CA LEU A 194 19.07 -17.56 -15.62
C LEU A 194 18.06 -16.46 -15.27
N GLU A 195 17.07 -16.80 -14.47
CA GLU A 195 16.08 -15.82 -14.09
C GLU A 195 16.65 -14.87 -13.06
N GLU A 196 17.35 -15.38 -12.06
CA GLU A 196 17.91 -14.49 -11.06
C GLU A 196 18.98 -13.60 -11.65
N ARG A 197 19.55 -14.01 -12.78
CA ARG A 197 20.59 -13.21 -13.41
C ARG A 197 20.04 -12.10 -14.31
N MET A 198 18.92 -12.35 -14.97
CA MET A 198 18.31 -11.34 -15.80
C MET A 198 17.81 -10.23 -14.85
N VAL A 199 17.29 -10.62 -13.69
CA VAL A 199 16.82 -9.65 -12.73
C VAL A 199 17.99 -8.78 -12.32
N LEU A 200 19.06 -9.39 -11.86
CA LEU A 200 20.19 -8.59 -11.46
C LEU A 200 20.69 -7.71 -12.62
N GLU A 201 20.58 -8.25 -13.83
CA GLU A 201 21.02 -7.55 -15.05
C GLU A 201 20.13 -6.37 -15.42
N THR A 202 18.83 -6.56 -15.31
CA THR A 202 17.87 -5.50 -15.59
C THR A 202 18.21 -4.36 -14.64
N ILE A 203 18.28 -4.64 -13.35
CA ILE A 203 18.63 -3.62 -12.38
C ILE A 203 19.97 -2.92 -12.69
N ASN A 204 20.95 -3.66 -13.17
CA ASN A 204 22.26 -3.06 -13.46
C ASN A 204 22.24 -2.04 -14.60
N HIS A 205 21.18 -2.04 -15.39
CA HIS A 205 21.09 -1.14 -16.53
C HIS A 205 20.27 0.14 -16.37
N PHE A 206 20.04 0.58 -15.13
CA PHE A 206 19.26 1.77 -14.92
C PHE A 206 19.72 2.60 -13.73
N LYS A 207 19.41 3.90 -13.76
CA LYS A 207 19.71 4.81 -12.65
C LYS A 207 18.39 4.89 -11.87
N PHE A 208 18.45 4.80 -10.55
CA PHE A 208 17.20 4.87 -9.78
C PHE A 208 17.16 6.13 -8.95
N HIS A 209 15.94 6.57 -8.67
CA HIS A 209 15.68 7.73 -7.83
C HIS A 209 14.66 7.26 -6.80
N PHE A 210 14.96 7.49 -5.52
CA PHE A 210 14.02 7.06 -4.48
C PHE A 210 13.11 8.18 -4.02
N ASN A 211 11.82 8.02 -4.32
CA ASN A 211 10.76 8.97 -3.99
C ASN A 211 10.41 8.90 -2.50
N LEU A 212 11.21 9.52 -1.65
CA LEU A 212 10.94 9.48 -0.23
C LEU A 212 10.25 10.77 0.19
N THR A 213 10.58 11.85 -0.52
CA THR A 213 10.02 13.18 -0.28
C THR A 213 9.16 13.65 -1.45
N GLY A 214 9.70 13.53 -2.67
CA GLY A 214 9.00 13.95 -3.87
C GLY A 214 9.52 13.20 -5.08
N GLN A 215 9.40 13.78 -6.28
CA GLN A 215 9.84 13.12 -7.51
C GLN A 215 10.98 13.77 -8.32
N LEU B 30 -12.42 11.11 -9.71
CA LEU B 30 -13.21 12.21 -10.33
C LEU B 30 -14.37 11.66 -11.15
N LYS B 31 -15.58 11.83 -10.63
CA LYS B 31 -16.79 11.39 -11.32
C LYS B 31 -17.31 12.59 -12.09
N SER B 32 -16.99 13.78 -11.59
CA SER B 32 -17.40 15.04 -12.19
C SER B 32 -16.15 15.84 -12.52
N THR B 33 -16.30 16.97 -13.21
CA THR B 33 -15.15 17.78 -13.56
C THR B 33 -15.31 19.22 -13.14
N ALA B 34 -14.19 19.89 -12.92
CA ALA B 34 -14.19 21.28 -12.51
C ALA B 34 -13.15 22.01 -13.35
N LYS B 35 -13.48 23.19 -13.85
CA LYS B 35 -12.54 23.94 -14.66
C LYS B 35 -12.19 25.24 -13.98
N LEU B 36 -10.94 25.64 -14.16
CA LEU B 36 -10.46 26.88 -13.57
C LEU B 36 -10.77 27.99 -14.56
N VAL B 37 -11.46 29.02 -14.09
CA VAL B 37 -11.75 30.14 -14.98
C VAL B 37 -10.45 30.93 -14.98
N LYS B 38 -10.50 32.20 -14.60
CA LYS B 38 -9.31 33.02 -14.54
C LYS B 38 -8.33 32.45 -13.50
N PRO B 39 -7.05 32.83 -13.57
CA PRO B 39 -6.05 32.34 -12.63
C PRO B 39 -6.33 32.78 -11.22
N ILE B 40 -6.15 31.86 -10.28
CA ILE B 40 -6.37 32.16 -8.88
C ILE B 40 -5.39 33.26 -8.53
N GLN B 41 -5.86 34.23 -7.76
CA GLN B 41 -5.00 35.32 -7.35
C GLN B 41 -4.69 35.16 -5.89
N TYR B 42 -3.41 34.99 -5.57
CA TYR B 42 -2.99 34.82 -4.19
C TYR B 42 -2.59 36.16 -3.51
N ASP B 43 -2.64 37.25 -4.28
CA ASP B 43 -2.31 38.60 -3.79
C ASP B 43 -3.41 39.11 -2.83
N GLU B 44 -4.65 39.13 -3.32
CA GLU B 44 -5.79 39.60 -2.53
C GLU B 44 -5.82 38.99 -1.14
N VAL B 45 -5.65 39.79 -0.09
CA VAL B 45 -5.68 39.26 1.26
C VAL B 45 -7.09 38.95 1.73
N ILE B 46 -7.27 37.76 2.29
CA ILE B 46 -8.57 37.32 2.79
C ILE B 46 -8.95 38.16 3.99
N GLU B 47 -10.13 38.75 3.96
CA GLU B 47 -10.56 39.56 5.09
C GLU B 47 -11.30 38.76 6.16
N VAL B 48 -11.04 39.08 7.43
CA VAL B 48 -11.67 38.38 8.55
C VAL B 48 -12.12 39.36 9.64
N GLU B 49 -13.41 39.35 9.97
CA GLU B 49 -13.92 40.24 11.00
C GLU B 49 -14.47 39.43 12.15
N ARG B 50 -14.64 38.13 11.92
CA ARG B 50 -15.21 37.26 12.93
C ARG B 50 -14.49 35.92 13.09
N ILE B 51 -14.51 35.43 14.32
CA ILE B 51 -13.92 34.13 14.65
C ILE B 51 -15.04 33.33 15.31
N PHE B 52 -15.64 32.42 14.55
CA PHE B 52 -16.77 31.63 15.02
C PHE B 52 -16.50 30.34 15.78
N ALA B 53 -16.84 30.33 17.06
CA ALA B 53 -16.69 29.15 17.89
C ALA B 53 -18.07 28.51 17.98
N ASP B 54 -18.51 27.90 16.89
CA ASP B 54 -19.83 27.27 16.87
C ASP B 54 -20.04 26.15 17.88
N PRO B 55 -20.83 26.41 18.96
CA PRO B 55 -21.16 25.47 20.03
C PRO B 55 -21.47 24.09 19.47
N ALA B 56 -22.25 24.07 18.39
CA ALA B 56 -22.61 22.82 17.75
C ALA B 56 -21.36 22.12 17.24
N PHE B 57 -20.45 22.89 16.63
CA PHE B 57 -19.20 22.39 16.09
C PHE B 57 -18.34 21.77 17.19
N ILE B 58 -17.99 22.60 18.17
CA ILE B 58 -17.20 22.19 19.33
C ILE B 58 -17.66 20.85 19.89
N GLU B 59 -18.95 20.78 20.24
CA GLU B 59 -19.57 19.57 20.79
C GLU B 59 -19.19 18.34 19.99
N GLN B 60 -19.43 18.41 18.68
CA GLN B 60 -19.10 17.29 17.81
C GLN B 60 -17.66 16.85 18.07
N HIS B 61 -16.75 17.79 17.98
CA HIS B 61 -15.33 17.50 18.19
C HIS B 61 -14.95 17.14 19.62
N ARG B 62 -15.60 17.76 20.59
CA ARG B 62 -15.28 17.47 21.97
C ARG B 62 -15.55 15.99 22.23
N GLN B 63 -16.76 15.55 21.91
CA GLN B 63 -17.14 14.15 22.10
C GLN B 63 -16.22 13.22 21.30
N ARG B 64 -15.85 13.65 20.09
CA ARG B 64 -14.96 12.88 19.22
C ARG B 64 -13.57 12.65 19.84
N ILE B 65 -13.17 13.55 20.74
CA ILE B 65 -11.88 13.44 21.41
C ILE B 65 -12.09 12.61 22.66
N LEU B 66 -13.22 12.82 23.31
CA LEU B 66 -13.55 12.12 24.54
C LEU B 66 -14.20 10.76 24.28
N ALA B 67 -13.75 10.11 23.22
CA ALA B 67 -14.23 8.78 22.88
C ALA B 67 -13.12 7.84 23.35
N SER B 68 -11.96 8.42 23.66
CA SER B 68 -10.82 7.67 24.14
C SER B 68 -10.86 7.61 25.67
N PHE B 69 -9.72 7.38 26.32
CA PHE B 69 -9.70 7.28 27.77
C PHE B 69 -9.25 8.55 28.51
N LYS B 70 -8.04 9.02 28.23
CA LYS B 70 -7.50 10.21 28.89
C LYS B 70 -8.55 11.28 29.15
N ASP B 71 -8.43 11.95 30.30
CA ASP B 71 -9.38 12.99 30.69
C ASP B 71 -9.20 14.25 29.85
N ALA B 72 -10.08 15.21 30.08
CA ALA B 72 -10.05 16.48 29.36
C ALA B 72 -8.77 17.27 29.69
N LYS B 73 -8.13 16.96 30.81
CA LYS B 73 -6.91 17.65 31.19
C LYS B 73 -5.67 16.94 30.64
N GLU B 74 -5.62 15.61 30.80
CA GLU B 74 -4.49 14.81 30.32
C GLU B 74 -4.41 14.82 28.80
N SER B 75 -5.57 14.85 28.16
CA SER B 75 -5.66 14.87 26.72
C SER B 75 -5.63 16.31 26.19
N ALA B 76 -5.67 17.29 27.10
CA ALA B 76 -5.67 18.73 26.77
C ALA B 76 -6.85 19.05 25.86
N LEU B 77 -8.04 19.10 26.46
CA LEU B 77 -9.27 19.35 25.74
C LEU B 77 -9.39 20.72 25.07
N TYR B 78 -9.14 21.78 25.84
CA TYR B 78 -9.24 23.13 25.30
C TYR B 78 -8.19 23.46 24.25
N HIS B 79 -6.93 23.12 24.56
CA HIS B 79 -5.83 23.39 23.64
C HIS B 79 -6.16 22.76 22.30
N GLU B 80 -6.81 21.62 22.36
CA GLU B 80 -7.13 20.92 21.15
C GLU B 80 -8.30 21.56 20.42
N LEU B 81 -9.38 21.83 21.14
CA LEU B 81 -10.58 22.41 20.55
C LEU B 81 -10.39 23.83 20.00
N THR B 82 -9.57 24.63 20.67
CA THR B 82 -9.35 25.99 20.19
C THR B 82 -8.58 25.92 18.90
N HIS B 83 -7.57 25.05 18.89
CA HIS B 83 -6.71 24.79 17.72
C HIS B 83 -7.58 24.38 16.53
N ILE B 84 -8.47 23.43 16.76
CA ILE B 84 -9.34 22.95 15.72
C ILE B 84 -10.24 24.06 15.17
N VAL B 85 -10.73 24.94 16.05
CA VAL B 85 -11.61 26.03 15.63
C VAL B 85 -10.90 27.09 14.78
N ILE B 86 -9.75 27.56 15.25
CA ILE B 86 -9.01 28.56 14.50
C ILE B 86 -8.65 28.01 13.11
N LYS B 87 -8.13 26.79 13.09
CA LYS B 87 -7.74 26.16 11.84
C LYS B 87 -8.89 26.09 10.86
N ASP B 88 -10.06 25.75 11.38
CA ASP B 88 -11.23 25.63 10.52
C ASP B 88 -11.77 26.97 10.09
N ASN B 89 -11.54 27.98 10.90
CA ASN B 89 -11.99 29.31 10.56
C ASN B 89 -11.15 29.71 9.38
N LEU B 90 -9.84 29.65 9.56
CA LEU B 90 -8.88 29.98 8.49
C LEU B 90 -9.17 29.26 7.17
N PHE B 91 -9.24 27.93 7.23
CA PHE B 91 -9.49 27.12 6.03
C PHE B 91 -10.82 27.45 5.40
N SER B 92 -11.80 27.82 6.22
CA SER B 92 -13.10 28.15 5.66
C SER B 92 -12.95 29.41 4.83
N CYS B 93 -12.35 30.44 5.43
CA CYS B 93 -12.14 31.68 4.72
C CYS B 93 -11.40 31.49 3.41
N ALA B 94 -10.35 30.67 3.44
CA ALA B 94 -9.56 30.46 2.23
C ALA B 94 -10.27 29.71 1.11
N MET B 95 -10.91 28.58 1.42
CA MET B 95 -11.61 27.83 0.37
C MET B 95 -12.56 28.76 -0.36
N ASN B 96 -13.12 29.71 0.40
CA ASN B 96 -14.05 30.69 -0.14
C ASN B 96 -13.46 31.39 -1.38
N ALA B 97 -12.34 32.06 -1.18
CA ALA B 97 -11.71 32.75 -2.27
C ALA B 97 -11.37 31.74 -3.37
N ILE B 98 -10.94 30.55 -2.97
CA ILE B 98 -10.55 29.52 -3.93
C ILE B 98 -11.68 28.97 -4.79
N VAL B 99 -12.70 28.39 -4.16
CA VAL B 99 -13.81 27.83 -4.92
C VAL B 99 -14.32 28.87 -5.93
N GLY B 100 -13.99 30.12 -5.66
CA GLY B 100 -14.41 31.22 -6.51
C GLY B 100 -14.00 31.18 -7.97
N TYR B 101 -12.73 30.88 -8.25
CA TYR B 101 -12.26 30.85 -9.63
C TYR B 101 -12.57 29.56 -10.37
N PHE B 102 -13.58 28.82 -9.92
CA PHE B 102 -13.90 27.57 -10.58
C PHE B 102 -15.30 27.44 -11.15
N GLU B 103 -15.41 26.68 -12.23
CA GLU B 103 -16.69 26.39 -12.85
C GLU B 103 -16.84 24.92 -12.54
N PHE B 104 -18.00 24.50 -12.07
CA PHE B 104 -18.17 23.11 -11.73
C PHE B 104 -19.16 22.35 -12.60
N ASN B 105 -18.80 21.12 -12.95
CA ASN B 105 -19.67 20.27 -13.73
C ASN B 105 -19.92 19.06 -12.83
N ILE B 106 -21.00 19.13 -12.05
CA ILE B 106 -21.36 18.09 -11.10
C ILE B 106 -22.25 16.98 -11.63
N ASP B 107 -21.70 15.77 -11.70
CA ASP B 107 -22.43 14.60 -12.15
C ASP B 107 -23.67 14.41 -11.27
N GLU B 108 -24.81 14.18 -11.90
CA GLU B 108 -26.07 13.99 -11.16
C GLU B 108 -26.09 12.72 -10.32
N ALA B 109 -25.52 11.64 -10.85
CA ALA B 109 -25.49 10.37 -10.13
C ALA B 109 -24.54 10.44 -8.95
N GLU B 110 -23.29 10.83 -9.19
CA GLU B 110 -22.28 10.94 -8.14
C GLU B 110 -22.86 11.68 -6.93
N LEU B 111 -23.35 12.88 -7.17
CA LEU B 111 -23.93 13.69 -6.10
C LEU B 111 -24.98 12.88 -5.35
N LYS B 112 -25.93 12.32 -6.10
CA LYS B 112 -27.01 11.54 -5.50
C LYS B 112 -26.49 10.36 -4.68
N ASN B 113 -25.38 9.76 -5.12
CA ASN B 113 -24.81 8.64 -4.40
C ASN B 113 -24.22 9.13 -3.09
N VAL B 114 -23.32 10.11 -3.17
CA VAL B 114 -22.68 10.67 -2.00
C VAL B 114 -23.65 10.82 -0.83
N MET B 115 -24.61 11.74 -0.97
CA MET B 115 -25.59 11.99 0.09
C MET B 115 -26.20 10.74 0.72
N GLU B 116 -25.95 9.58 0.13
CA GLU B 116 -26.47 8.35 0.72
C GLU B 116 -25.93 8.35 2.14
N GLY B 117 -24.70 8.84 2.29
CA GLY B 117 -24.02 8.90 3.59
C GLY B 117 -24.52 10.05 4.47
N LEU B 118 -24.82 9.72 5.72
CA LEU B 118 -25.31 10.71 6.69
C LEU B 118 -24.70 10.49 8.08
N ASP B 128 -32.45 17.60 7.05
CA ASP B 128 -33.68 17.82 6.29
C ASP B 128 -33.46 17.66 4.78
N ASN B 129 -33.10 18.75 4.12
CA ASN B 129 -32.86 18.73 2.67
C ASN B 129 -31.47 19.22 2.29
N THR B 130 -30.74 19.72 3.29
CA THR B 130 -29.38 20.23 3.07
C THR B 130 -28.38 19.09 2.83
N VAL B 131 -28.89 17.86 2.81
CA VAL B 131 -28.06 16.68 2.60
C VAL B 131 -27.42 16.68 1.22
N GLN B 132 -27.94 17.53 0.33
CA GLN B 132 -27.40 17.63 -1.02
C GLN B 132 -26.51 18.87 -1.14
N ALA B 133 -26.61 19.75 -0.16
CA ALA B 133 -25.80 20.97 -0.15
C ALA B 133 -24.44 20.60 0.42
N ILE B 134 -24.46 19.74 1.44
CA ILE B 134 -23.24 19.27 2.07
C ILE B 134 -22.54 18.40 1.03
N ALA B 135 -23.24 17.36 0.62
CA ALA B 135 -22.74 16.43 -0.38
C ALA B 135 -22.07 17.17 -1.53
N GLU B 136 -22.67 18.26 -1.98
CA GLU B 136 -22.11 19.00 -3.08
C GLU B 136 -20.76 19.59 -2.70
N LYS B 137 -20.67 20.22 -1.54
CA LYS B 137 -19.39 20.78 -1.12
C LYS B 137 -18.33 19.68 -0.89
N ILE B 138 -18.75 18.47 -0.57
CA ILE B 138 -17.81 17.38 -0.39
C ILE B 138 -17.14 17.21 -1.75
N ILE B 139 -17.96 17.08 -2.79
CA ILE B 139 -17.48 16.92 -4.16
C ILE B 139 -16.66 18.12 -4.58
N LYS B 140 -17.24 19.29 -4.47
CA LYS B 140 -16.55 20.52 -4.84
C LYS B 140 -15.17 20.59 -4.21
N LYS B 141 -15.12 20.39 -2.90
CA LYS B 141 -13.86 20.41 -2.17
C LYS B 141 -12.82 19.52 -2.83
N ALA B 142 -13.21 18.27 -3.00
CA ALA B 142 -12.36 17.27 -3.62
C ALA B 142 -11.83 17.76 -4.96
N LEU B 143 -12.74 18.02 -5.89
CA LEU B 143 -12.36 18.50 -7.22
C LEU B 143 -11.31 19.59 -7.10
N VAL B 144 -11.47 20.45 -6.11
CA VAL B 144 -10.50 21.51 -5.97
C VAL B 144 -9.18 20.91 -5.53
N PHE B 145 -9.20 20.13 -4.44
CA PHE B 145 -7.99 19.52 -3.92
C PHE B 145 -7.26 18.76 -5.02
N ASN B 146 -8.01 18.11 -5.89
CA ASN B 146 -7.41 17.38 -7.00
C ASN B 146 -6.57 18.34 -7.83
N HIS B 147 -7.22 19.40 -8.29
CA HIS B 147 -6.56 20.39 -9.14
C HIS B 147 -5.36 21.08 -8.50
N LEU B 148 -5.56 21.60 -7.30
CA LEU B 148 -4.50 22.30 -6.58
C LEU B 148 -3.31 21.40 -6.25
N GLN B 149 -3.58 20.12 -5.98
CA GLN B 149 -2.54 19.16 -5.66
C GLN B 149 -1.48 19.16 -6.74
N LYS B 150 -1.95 19.12 -7.98
CA LYS B 150 -1.08 19.13 -9.16
C LYS B 150 -0.33 20.47 -9.24
N GLU B 151 -1.09 21.57 -9.26
CA GLU B 151 -0.51 22.91 -9.33
C GLU B 151 0.55 23.09 -8.23
N TRP B 152 0.16 22.89 -6.97
CA TRP B 152 1.08 23.07 -5.85
C TRP B 152 2.13 21.98 -5.67
N LYS B 153 2.04 20.92 -6.47
CA LYS B 153 3.00 19.82 -6.37
C LYS B 153 2.99 19.18 -4.99
N VAL B 154 1.85 18.65 -4.59
CA VAL B 154 1.77 18.03 -3.29
C VAL B 154 1.73 16.52 -3.47
N GLU B 155 2.45 15.82 -2.60
CA GLU B 155 2.50 14.37 -2.68
C GLU B 155 2.68 13.75 -1.30
N ILE B 156 2.12 12.54 -1.12
CA ILE B 156 2.27 11.81 0.13
C ILE B 156 2.92 10.50 -0.25
N THR B 157 4.20 10.36 0.08
CA THR B 157 4.94 9.15 -0.28
C THR B 157 4.70 7.98 0.64
N ASP B 158 4.98 6.78 0.14
CA ASP B 158 4.79 5.54 0.92
C ASP B 158 5.64 5.61 2.17
N GLU B 159 6.78 6.27 2.09
CA GLU B 159 7.65 6.39 3.24
C GLU B 159 6.86 7.06 4.35
N VAL B 160 6.30 8.22 4.04
CA VAL B 160 5.50 9.00 4.99
C VAL B 160 4.30 8.21 5.52
N VAL B 161 3.49 7.65 4.63
CA VAL B 161 2.36 6.88 5.08
C VAL B 161 2.80 5.87 6.11
N LYS B 162 3.88 5.15 5.80
CA LYS B 162 4.42 4.12 6.68
C LYS B 162 4.93 4.66 8.00
N ASN B 163 5.53 5.83 7.99
CA ASN B 163 6.03 6.39 9.22
C ASN B 163 4.87 6.83 10.06
N VAL B 164 3.79 7.29 9.43
CA VAL B 164 2.63 7.71 10.18
C VAL B 164 2.02 6.48 10.85
N ILE B 165 1.83 5.42 10.06
CA ILE B 165 1.27 4.20 10.62
C ILE B 165 2.13 3.66 11.76
N SER B 166 3.45 3.69 11.62
CA SER B 166 4.27 3.18 12.70
C SER B 166 4.15 4.03 13.95
N LEU B 167 3.89 5.32 13.74
CA LEU B 167 3.78 6.28 14.82
C LEU B 167 2.48 6.10 15.63
N TYR B 168 1.37 5.90 14.93
CA TYR B 168 0.12 5.74 15.61
C TYR B 168 0.00 4.48 16.43
N TYR B 169 0.06 3.30 15.78
CA TYR B 169 -0.10 2.05 16.52
C TYR B 169 1.15 1.54 17.24
N GLU B 170 1.56 2.23 18.29
CA GLU B 170 2.73 1.84 19.08
C GLU B 170 2.38 1.82 20.57
N GLN B 174 -3.62 -2.40 19.23
CA GLN B 174 -3.54 -2.60 17.79
C GLN B 174 -2.10 -2.87 17.37
N SER B 175 -1.88 -3.03 16.07
CA SER B 175 -0.54 -3.28 15.53
C SER B 175 -0.44 -2.82 14.07
N VAL B 176 0.80 -2.64 13.62
CA VAL B 176 1.07 -2.16 12.28
C VAL B 176 0.93 -3.15 11.14
N ARG B 177 1.06 -4.43 11.44
CA ARG B 177 0.98 -5.45 10.40
C ARG B 177 -0.29 -5.40 9.56
N GLU B 178 -1.43 -5.15 10.18
CA GLU B 178 -2.67 -5.11 9.43
C GLU B 178 -2.72 -4.02 8.39
N TYR B 179 -2.37 -2.80 8.79
CA TYR B 179 -2.39 -1.67 7.88
C TYR B 179 -1.25 -1.69 6.86
N LEU B 180 -0.20 -2.45 7.14
CA LEU B 180 0.89 -2.53 6.20
C LEU B 180 0.60 -3.58 5.13
N ASP B 181 -0.18 -4.60 5.49
CA ASP B 181 -0.53 -5.65 4.54
C ASP B 181 -1.76 -5.39 3.65
N ASP B 182 -2.85 -4.91 4.23
CA ASP B 182 -4.05 -4.60 3.44
C ASP B 182 -3.79 -3.35 2.61
N LYS B 183 -3.60 -3.54 1.30
CA LYS B 183 -3.34 -2.44 0.39
C LYS B 183 -4.40 -1.33 0.43
N GLN B 184 -5.61 -1.66 0.86
CA GLN B 184 -6.65 -0.65 0.92
C GLN B 184 -6.52 0.16 2.21
N LYS B 185 -6.17 -0.49 3.31
CA LYS B 185 -6.00 0.24 4.55
C LYS B 185 -4.79 1.13 4.48
N PHE B 186 -3.89 0.84 3.54
CA PHE B 186 -2.68 1.64 3.42
C PHE B 186 -3.02 2.93 2.67
N GLU B 187 -3.72 2.77 1.57
CA GLU B 187 -4.10 3.93 0.78
C GLU B 187 -5.04 4.83 1.58
N GLY B 188 -5.74 4.24 2.54
CA GLY B 188 -6.63 5.01 3.38
C GLY B 188 -5.80 5.99 4.19
N VAL B 189 -4.83 5.49 4.95
CA VAL B 189 -3.99 6.35 5.76
C VAL B 189 -3.38 7.42 4.88
N ARG B 190 -3.09 7.07 3.63
CA ARG B 190 -2.52 8.02 2.71
C ARG B 190 -3.52 9.13 2.39
N THR B 191 -4.76 8.76 2.13
CA THR B 191 -5.81 9.71 1.82
C THR B 191 -6.06 10.69 2.98
N ALA B 192 -6.08 10.20 4.21
CA ALA B 192 -6.31 11.09 5.32
C ALA B 192 -5.17 12.09 5.34
N LEU B 193 -3.95 11.60 5.32
CA LEU B 193 -2.78 12.47 5.33
C LEU B 193 -2.79 13.49 4.18
N LEU B 194 -3.34 13.12 3.03
CA LEU B 194 -3.37 14.04 1.91
C LEU B 194 -4.32 15.19 2.17
N GLU B 195 -5.48 14.87 2.75
CA GLU B 195 -6.46 15.89 3.04
C GLU B 195 -5.92 16.87 4.08
N GLU B 196 -5.39 16.35 5.17
CA GLU B 196 -4.87 17.22 6.21
C GLU B 196 -3.80 18.14 5.66
N ARG B 197 -3.01 17.64 4.72
CA ARG B 197 -1.92 18.41 4.13
C ARG B 197 -2.49 19.48 3.22
N MET B 198 -3.50 19.12 2.43
CA MET B 198 -4.09 20.10 1.56
C MET B 198 -4.73 21.24 2.35
N VAL B 199 -5.36 20.92 3.48
CA VAL B 199 -5.96 21.96 4.33
C VAL B 199 -4.84 22.88 4.77
N LEU B 200 -3.75 22.30 5.24
CA LEU B 200 -2.63 23.10 5.69
C LEU B 200 -2.07 23.96 4.56
N GLU B 201 -1.79 23.31 3.44
CA GLU B 201 -1.23 23.96 2.26
C GLU B 201 -2.12 25.10 1.74
N THR B 202 -3.43 24.84 1.69
CA THR B 202 -4.36 25.87 1.24
C THR B 202 -4.14 27.15 2.03
N ILE B 203 -4.32 27.09 3.34
CA ILE B 203 -4.15 28.24 4.19
C ILE B 203 -2.80 28.87 3.96
N ASN B 204 -1.80 28.04 3.69
CA ASN B 204 -0.44 28.55 3.52
C ASN B 204 -0.29 29.48 2.32
N HIS B 205 -1.15 29.29 1.32
CA HIS B 205 -1.12 30.09 0.09
C HIS B 205 -1.96 31.39 0.14
N PHE B 206 -2.04 32.04 1.30
CA PHE B 206 -2.84 33.26 1.41
C PHE B 206 -2.40 34.10 2.58
N LYS B 207 -2.79 35.37 2.56
CA LYS B 207 -2.49 36.28 3.65
C LYS B 207 -3.83 36.72 4.21
N PHE B 208 -3.91 36.91 5.52
CA PHE B 208 -5.18 37.32 6.11
C PHE B 208 -5.03 38.63 6.85
N HIS B 209 -6.09 39.43 6.80
CA HIS B 209 -6.13 40.67 7.53
C HIS B 209 -7.31 40.54 8.49
N PHE B 210 -7.07 40.82 9.77
CA PHE B 210 -8.11 40.69 10.77
C PHE B 210 -8.64 41.98 11.35
N ASN B 211 -9.93 42.22 11.19
CA ASN B 211 -10.48 43.41 11.82
C ASN B 211 -11.38 42.98 12.97
N LEU B 212 -10.90 43.18 14.20
CA LEU B 212 -11.65 42.82 15.39
C LEU B 212 -11.95 44.05 16.25
N HIS C 10 -53.71 49.72 23.42
CA HIS C 10 -54.60 48.53 23.48
C HIS C 10 -54.05 47.40 22.61
N ASP C 11 -53.39 47.76 21.52
CA ASP C 11 -52.81 46.77 20.62
C ASP C 11 -51.83 45.84 21.35
N TYR C 12 -51.49 44.72 20.70
CA TYR C 12 -50.57 43.73 21.26
C TYR C 12 -50.13 42.69 20.23
N ASP C 13 -49.53 43.15 19.13
CA ASP C 13 -49.08 42.25 18.08
C ASP C 13 -48.20 41.12 18.62
N ILE C 14 -47.08 41.46 19.24
CA ILE C 14 -46.17 40.46 19.81
C ILE C 14 -46.97 39.40 20.57
N PHE C 22 -48.75 33.97 16.69
CA PHE C 22 -48.17 34.42 15.43
C PHE C 22 -47.67 33.24 14.63
N GLN C 23 -46.62 32.61 15.15
CA GLN C 23 -46.02 31.44 14.53
C GLN C 23 -46.39 30.27 15.43
N GLY C 24 -46.66 30.60 16.69
CA GLY C 24 -47.02 29.61 17.70
C GLY C 24 -48.39 29.01 17.48
N HIS C 25 -48.91 29.17 16.26
CA HIS C 25 -50.19 28.60 15.89
C HIS C 25 -50.19 28.34 14.38
N MET C 26 -49.03 28.58 13.75
CA MET C 26 -48.82 28.36 12.31
C MET C 26 -47.60 27.49 12.05
N LEU C 30 -49.81 32.87 3.56
CA LEU C 30 -49.40 32.52 2.20
C LEU C 30 -50.48 32.87 1.17
N LYS C 31 -51.70 32.39 1.34
CA LYS C 31 -52.74 32.70 0.36
C LYS C 31 -53.02 34.21 0.27
N SER C 32 -52.99 34.90 1.40
CA SER C 32 -53.24 36.33 1.42
C SER C 32 -52.08 37.08 0.76
N THR C 33 -52.35 38.30 0.31
CA THR C 33 -51.34 39.10 -0.35
C THR C 33 -51.40 40.57 0.03
N ALA C 34 -50.23 41.15 0.26
CA ALA C 34 -50.12 42.57 0.63
C ALA C 34 -49.35 43.23 -0.50
N LYS C 35 -49.48 44.55 -0.60
CA LYS C 35 -48.81 45.28 -1.66
C LYS C 35 -48.27 46.62 -1.17
N LEU C 36 -47.01 46.90 -1.45
CA LEU C 36 -46.42 48.17 -1.02
C LEU C 36 -46.82 49.34 -1.93
N VAL C 37 -47.71 50.17 -1.41
CA VAL C 37 -48.24 51.32 -2.13
C VAL C 37 -47.33 52.56 -2.16
N LYS C 38 -46.71 52.90 -1.03
CA LYS C 38 -45.82 54.06 -0.98
C LYS C 38 -44.48 53.61 -0.44
N PRO C 39 -43.40 54.33 -0.77
CA PRO C 39 -42.10 53.92 -0.24
C PRO C 39 -42.18 54.19 1.25
N ILE C 40 -41.72 53.27 2.07
CA ILE C 40 -41.79 53.46 3.52
C ILE C 40 -40.72 54.42 4.00
N GLN C 41 -41.15 55.47 4.71
CA GLN C 41 -40.27 56.53 5.22
C GLN C 41 -39.67 56.25 6.59
N TYR C 42 -38.48 55.64 6.61
CA TYR C 42 -37.86 55.33 7.89
C TYR C 42 -37.29 56.56 8.56
N ASP C 43 -37.60 57.72 8.01
CA ASP C 43 -37.10 58.97 8.57
C ASP C 43 -38.08 59.69 9.47
N GLU C 44 -39.38 59.45 9.26
CA GLU C 44 -40.40 60.05 10.10
C GLU C 44 -40.38 59.35 11.45
N VAL C 45 -40.40 60.12 12.52
CA VAL C 45 -40.37 59.57 13.86
C VAL C 45 -41.68 58.91 14.28
N ILE C 46 -41.58 57.90 15.13
CA ILE C 46 -42.76 57.21 15.61
C ILE C 46 -43.12 57.63 17.03
N GLU C 47 -44.40 57.81 17.28
CA GLU C 47 -44.84 58.21 18.61
C GLU C 47 -45.19 57.04 19.50
N VAL C 48 -44.57 57.01 20.67
CA VAL C 48 -44.86 55.96 21.62
C VAL C 48 -45.86 56.53 22.63
N GLU C 49 -47.08 56.03 22.63
CA GLU C 49 -48.08 56.52 23.58
C GLU C 49 -47.90 56.13 25.06
N ARG C 50 -47.60 54.86 25.33
CA ARG C 50 -47.40 54.42 26.71
C ARG C 50 -46.05 53.75 26.95
N ILE C 51 -45.54 53.92 28.16
CA ILE C 51 -44.26 53.38 28.62
C ILE C 51 -44.43 52.08 29.39
N PHE C 52 -45.65 51.81 29.81
CA PHE C 52 -45.98 50.65 30.60
C PHE C 52 -46.83 49.71 29.78
N ALA C 53 -47.30 48.65 30.43
CA ALA C 53 -48.17 47.67 29.81
C ALA C 53 -49.20 47.33 30.88
N ASP C 54 -50.28 46.67 30.49
CA ASP C 54 -51.28 46.32 31.48
C ASP C 54 -50.95 45.02 32.22
N PRO C 55 -51.33 44.93 33.50
CA PRO C 55 -51.10 43.77 34.36
C PRO C 55 -51.40 42.42 33.71
N ALA C 56 -52.58 42.30 33.13
CA ALA C 56 -52.99 41.07 32.46
C ALA C 56 -51.90 40.60 31.52
N PHE C 57 -51.35 41.53 30.73
CA PHE C 57 -50.28 41.21 29.78
C PHE C 57 -48.99 40.77 30.48
N ILE C 58 -48.63 41.42 31.58
CA ILE C 58 -47.42 41.06 32.28
C ILE C 58 -47.53 39.69 32.92
N GLU C 59 -48.68 39.40 33.51
CA GLU C 59 -48.88 38.11 34.16
C GLU C 59 -48.78 36.98 33.18
N GLN C 60 -49.46 37.14 32.05
CA GLN C 60 -49.45 36.13 31.03
C GLN C 60 -48.03 35.72 30.69
N HIS C 61 -47.17 36.69 30.40
CA HIS C 61 -45.77 36.38 30.08
C HIS C 61 -45.00 35.88 31.29
N ARG C 62 -45.41 36.25 32.49
CA ARG C 62 -44.71 35.81 33.67
C ARG C 62 -44.97 34.34 33.90
N GLN C 63 -46.18 33.90 33.54
CA GLN C 63 -46.55 32.51 33.67
C GLN C 63 -45.76 31.71 32.65
N ARG C 64 -45.65 32.25 31.44
CA ARG C 64 -44.91 31.58 30.37
C ARG C 64 -43.45 31.39 30.77
N ILE C 65 -42.86 32.40 31.42
CA ILE C 65 -41.46 32.33 31.86
C ILE C 65 -41.27 31.25 32.92
N LEU C 66 -42.20 31.19 33.87
CA LEU C 66 -42.14 30.21 34.95
C LEU C 66 -42.39 28.81 34.42
N ALA C 67 -43.37 28.69 33.53
CA ALA C 67 -43.71 27.39 32.94
C ALA C 67 -42.50 26.73 32.30
N SER C 68 -41.74 27.49 31.52
CA SER C 68 -40.56 26.96 30.83
C SER C 68 -39.34 26.78 31.73
N PHE C 69 -39.27 27.59 32.79
CA PHE C 69 -38.17 27.50 33.72
C PHE C 69 -38.72 27.54 35.14
N LYS C 70 -39.19 26.37 35.58
CA LYS C 70 -39.77 26.17 36.91
C LYS C 70 -39.13 27.05 38.00
N ASP C 71 -39.83 28.13 38.34
CA ASP C 71 -39.36 29.08 39.34
C ASP C 71 -37.93 29.52 39.07
N ALA C 72 -37.79 30.54 38.25
CA ALA C 72 -36.49 31.08 37.92
C ALA C 72 -36.17 32.17 38.94
N LYS C 73 -34.99 32.75 38.87
CA LYS C 73 -34.61 33.80 39.81
C LYS C 73 -35.53 35.02 39.60
N GLU C 74 -36.32 35.37 40.61
CA GLU C 74 -37.25 36.51 40.55
C GLU C 74 -36.48 37.77 40.15
N SER C 75 -35.16 37.69 40.20
CA SER C 75 -34.30 38.80 39.82
C SER C 75 -34.21 38.84 38.30
N ALA C 76 -34.23 37.66 37.68
CA ALA C 76 -34.16 37.54 36.23
C ALA C 76 -35.48 37.96 35.57
N LEU C 77 -36.58 37.80 36.29
CA LEU C 77 -37.90 38.17 35.78
C LEU C 77 -37.97 39.65 35.41
N TYR C 78 -37.64 40.48 36.40
CA TYR C 78 -37.66 41.92 36.22
C TYR C 78 -36.97 42.27 34.92
N HIS C 79 -35.92 41.54 34.61
CA HIS C 79 -35.15 41.80 33.40
C HIS C 79 -35.86 41.43 32.12
N GLU C 80 -36.34 40.19 32.05
CA GLU C 80 -37.00 39.68 30.88
C GLU C 80 -38.32 40.37 30.67
N LEU C 81 -39.12 40.51 31.73
CA LEU C 81 -40.42 41.18 31.60
C LEU C 81 -40.21 42.61 31.13
N THR C 82 -39.20 43.28 31.66
CA THR C 82 -38.95 44.65 31.23
C THR C 82 -38.68 44.67 29.72
N HIS C 83 -37.83 43.76 29.24
CA HIS C 83 -37.53 43.72 27.81
C HIS C 83 -38.81 43.48 27.03
N ILE C 84 -39.67 42.61 27.55
CA ILE C 84 -40.93 42.28 26.92
C ILE C 84 -41.77 43.53 26.71
N VAL C 85 -41.89 44.36 27.74
CA VAL C 85 -42.71 45.58 27.65
C VAL C 85 -42.18 46.62 26.66
N ILE C 86 -40.89 46.96 26.72
CA ILE C 86 -40.37 47.92 25.75
C ILE C 86 -40.60 47.40 24.35
N LYS C 87 -40.13 46.19 24.08
CA LYS C 87 -40.27 45.59 22.75
C LYS C 87 -41.71 45.56 22.29
N ASP C 88 -42.63 45.41 23.21
CA ASP C 88 -44.03 45.38 22.82
C ASP C 88 -44.53 46.78 22.51
N ASN C 89 -44.11 47.75 23.30
CA ASN C 89 -44.57 49.10 23.04
C ASN C 89 -43.91 49.68 21.82
N LEU C 90 -42.61 49.45 21.64
CA LEU C 90 -41.93 50.01 20.48
C LEU C 90 -42.37 49.32 19.20
N PHE C 91 -42.29 48.00 19.17
CA PHE C 91 -42.63 47.27 17.97
C PHE C 91 -44.06 47.52 17.55
N SER C 92 -44.97 47.55 18.51
CA SER C 92 -46.37 47.79 18.22
C SER C 92 -46.62 49.14 17.57
N CYS C 93 -45.91 50.17 18.02
CA CYS C 93 -46.08 51.50 17.44
C CYS C 93 -45.41 51.60 16.07
N ALA C 94 -44.26 50.93 15.91
CA ALA C 94 -43.58 50.97 14.63
C ALA C 94 -44.42 50.27 13.58
N MET C 95 -44.99 49.15 13.95
CA MET C 95 -45.82 48.39 13.03
C MET C 95 -47.02 49.23 12.63
N ASN C 96 -47.57 50.01 13.56
CA ASN C 96 -48.73 50.83 13.24
C ASN C 96 -48.43 51.84 12.15
N ALA C 97 -47.20 52.33 12.10
CA ALA C 97 -46.84 53.28 11.06
C ALA C 97 -46.64 52.50 9.75
N ILE C 98 -45.94 51.37 9.88
CA ILE C 98 -45.63 50.51 8.76
C ILE C 98 -46.83 49.99 8.02
N VAL C 99 -47.82 49.53 8.75
CA VAL C 99 -48.99 48.96 8.12
C VAL C 99 -49.76 50.01 7.33
N GLY C 100 -49.35 51.26 7.45
CA GLY C 100 -50.01 52.34 6.76
C GLY C 100 -49.56 52.49 5.33
N TYR C 101 -48.57 51.70 4.92
CA TYR C 101 -48.02 51.75 3.56
C TYR C 101 -48.41 50.55 2.72
N PHE C 102 -49.32 49.73 3.19
CA PHE C 102 -49.67 48.55 2.42
C PHE C 102 -51.15 48.38 2.08
N GLU C 103 -51.39 47.78 0.93
CA GLU C 103 -52.73 47.46 0.50
C GLU C 103 -52.85 46.00 0.97
N PHE C 104 -53.95 45.64 1.63
CA PHE C 104 -54.08 44.28 2.12
C PHE C 104 -55.22 43.43 1.57
N ASN C 105 -54.88 42.34 0.89
CA ASN C 105 -55.87 41.43 0.37
C ASN C 105 -55.86 40.21 1.30
N ILE C 106 -56.82 40.16 2.21
CA ILE C 106 -56.91 39.07 3.17
C ILE C 106 -57.88 37.98 2.72
N ASP C 107 -57.35 36.77 2.52
CA ASP C 107 -58.16 35.63 2.08
C ASP C 107 -59.10 35.10 3.17
N GLU C 108 -60.41 35.26 2.95
CA GLU C 108 -61.41 34.80 3.92
C GLU C 108 -61.08 33.48 4.56
N ALA C 109 -60.92 32.45 3.73
CA ALA C 109 -60.63 31.11 4.22
C ALA C 109 -59.49 31.15 5.22
N GLU C 110 -58.40 31.81 4.82
CA GLU C 110 -57.23 31.92 5.64
C GLU C 110 -57.58 32.57 6.98
N LEU C 111 -58.31 33.67 6.93
CA LEU C 111 -58.72 34.37 8.14
C LEU C 111 -59.40 33.38 9.08
N LYS C 112 -60.33 32.60 8.54
CA LYS C 112 -61.05 31.62 9.34
C LYS C 112 -60.12 30.59 9.97
N ASN C 113 -59.16 30.10 9.21
CA ASN C 113 -58.25 29.11 9.76
C ASN C 113 -57.45 29.71 10.92
N VAL C 114 -57.09 30.98 10.79
CA VAL C 114 -56.34 31.64 11.84
C VAL C 114 -57.25 31.84 13.04
N MET C 115 -58.50 32.13 12.79
CA MET C 115 -59.42 32.32 13.88
C MET C 115 -59.64 31.01 14.64
N GLU C 116 -59.87 29.91 13.92
CA GLU C 116 -60.10 28.64 14.59
C GLU C 116 -58.96 28.35 15.56
N GLY C 117 -57.73 28.39 15.06
CA GLY C 117 -56.58 28.12 15.89
C GLY C 117 -56.42 29.06 17.08
N LEU C 118 -56.98 30.26 16.98
CA LEU C 118 -56.91 31.20 18.08
C LEU C 118 -57.95 30.90 19.15
N LYS C 119 -59.16 30.60 18.73
CA LYS C 119 -60.24 30.29 19.66
C LYS C 119 -59.77 29.19 20.62
N ARG C 120 -58.96 28.26 20.12
CA ARG C 120 -58.46 27.15 20.93
C ARG C 120 -57.44 27.61 21.97
N ASP C 121 -56.76 28.74 21.69
CA ASP C 121 -55.75 29.30 22.61
C ASP C 121 -55.64 30.81 22.42
N VAL C 122 -56.47 31.56 23.15
CA VAL C 122 -56.47 33.02 23.07
C VAL C 122 -55.74 33.65 24.25
N GLU C 127 -64.43 39.47 22.78
CA GLU C 127 -65.59 38.61 22.56
C GLU C 127 -65.36 37.67 21.37
N ASP C 128 -65.76 38.10 20.18
CA ASP C 128 -65.60 37.32 18.96
C ASP C 128 -65.16 38.22 17.81
N ASN C 129 -65.75 39.40 17.70
CA ASN C 129 -65.37 40.34 16.66
C ASN C 129 -63.94 40.77 16.93
N THR C 130 -63.48 40.53 18.16
CA THR C 130 -62.12 40.89 18.54
C THR C 130 -61.17 39.82 18.00
N VAL C 131 -61.62 38.57 18.02
CA VAL C 131 -60.80 37.47 17.53
C VAL C 131 -60.44 37.69 16.07
N GLN C 132 -61.41 38.17 15.30
CA GLN C 132 -61.16 38.43 13.89
C GLN C 132 -60.20 39.60 13.68
N ALA C 133 -60.21 40.57 14.59
CA ALA C 133 -59.31 41.70 14.46
C ALA C 133 -57.91 41.13 14.62
N ILE C 134 -57.73 40.35 15.69
CA ILE C 134 -56.47 39.70 15.97
C ILE C 134 -56.02 38.86 14.79
N ALA C 135 -56.90 37.99 14.32
CA ALA C 135 -56.57 37.15 13.18
C ALA C 135 -56.03 38.04 12.06
N GLU C 136 -56.80 39.06 11.70
CA GLU C 136 -56.40 39.98 10.65
C GLU C 136 -55.03 40.61 10.89
N LYS C 137 -54.67 40.81 12.14
CA LYS C 137 -53.38 41.43 12.45
C LYS C 137 -52.23 40.43 12.31
N ILE C 138 -52.53 39.16 12.57
CA ILE C 138 -51.52 38.11 12.46
C ILE C 138 -51.10 38.00 11.01
N ILE C 139 -52.09 37.92 10.13
CA ILE C 139 -51.87 37.81 8.70
C ILE C 139 -51.05 38.98 8.15
N LYS C 140 -51.46 40.21 8.49
CA LYS C 140 -50.75 41.39 8.02
C LYS C 140 -49.32 41.43 8.53
N LYS C 141 -49.10 40.92 9.74
CA LYS C 141 -47.76 40.89 10.32
C LYS C 141 -46.95 39.99 9.39
N ALA C 142 -47.37 38.74 9.29
CA ALA C 142 -46.71 37.76 8.42
C ALA C 142 -46.37 38.40 7.08
N LEU C 143 -47.38 39.01 6.48
CA LEU C 143 -47.23 39.68 5.19
C LEU C 143 -46.12 40.73 5.24
N VAL C 144 -46.23 41.65 6.17
CA VAL C 144 -45.23 42.69 6.27
C VAL C 144 -43.84 42.16 6.51
N PHE C 145 -43.73 41.08 7.29
CA PHE C 145 -42.43 40.51 7.56
C PHE C 145 -41.91 39.78 6.34
N ASN C 146 -42.82 39.17 5.58
CA ASN C 146 -42.43 38.46 4.38
C ASN C 146 -41.72 39.46 3.47
N HIS C 147 -42.33 40.63 3.32
CA HIS C 147 -41.80 41.69 2.49
C HIS C 147 -40.47 42.26 2.94
N LEU C 148 -40.41 42.70 4.20
CA LEU C 148 -39.20 43.30 4.70
C LEU C 148 -38.04 42.33 4.87
N GLN C 149 -38.32 41.04 4.87
CA GLN C 149 -37.25 40.06 5.02
C GLN C 149 -36.41 40.17 3.76
N LYS C 150 -37.08 40.28 2.63
CA LYS C 150 -36.41 40.43 1.35
C LYS C 150 -35.63 41.75 1.40
N GLU C 151 -36.32 42.88 1.34
CA GLU C 151 -35.69 44.18 1.37
C GLU C 151 -34.51 44.25 2.33
N TRP C 152 -34.72 43.89 3.59
CA TRP C 152 -33.64 43.94 4.58
C TRP C 152 -32.59 42.83 4.48
N LYS C 153 -32.86 41.78 3.71
CA LYS C 153 -31.91 40.67 3.64
C LYS C 153 -31.68 40.16 5.06
N VAL C 154 -32.60 39.33 5.54
CA VAL C 154 -32.49 38.75 6.88
C VAL C 154 -32.78 37.27 6.84
N GLU C 155 -31.97 36.49 7.54
CA GLU C 155 -32.18 35.05 7.57
C GLU C 155 -31.54 34.31 8.73
N ILE C 156 -32.22 33.27 9.17
CA ILE C 156 -31.77 32.41 10.26
C ILE C 156 -31.29 31.11 9.62
N THR C 157 -29.98 30.96 9.58
CA THR C 157 -29.32 29.81 8.98
C THR C 157 -29.35 28.58 9.86
N ASP C 158 -29.22 27.42 9.23
CA ASP C 158 -29.19 26.14 9.92
C ASP C 158 -28.23 26.20 11.10
N GLU C 159 -27.01 26.65 10.83
CA GLU C 159 -25.98 26.74 11.86
C GLU C 159 -26.51 27.44 13.10
N VAL C 160 -27.06 28.64 12.91
CA VAL C 160 -27.58 29.43 14.02
C VAL C 160 -28.63 28.67 14.83
N VAL C 161 -29.58 28.03 14.14
CA VAL C 161 -30.60 27.26 14.83
C VAL C 161 -29.93 26.24 15.76
N LYS C 162 -28.94 25.52 15.23
CA LYS C 162 -28.22 24.51 15.98
C LYS C 162 -27.54 25.05 17.24
N ASN C 163 -27.05 26.29 17.17
CA ASN C 163 -26.40 26.87 18.33
C ASN C 163 -27.44 27.19 19.39
N VAL C 164 -28.64 27.54 18.92
CA VAL C 164 -29.71 27.89 19.83
C VAL C 164 -30.18 26.63 20.56
N ILE C 165 -30.37 25.54 19.82
CA ILE C 165 -30.80 24.26 20.38
C ILE C 165 -29.72 23.74 21.34
N SER C 166 -28.51 23.62 20.81
CA SER C 166 -27.36 23.14 21.56
C SER C 166 -27.12 24.01 22.79
N LEU C 167 -27.68 25.22 22.77
CA LEU C 167 -27.56 26.15 23.88
C LEU C 167 -28.68 25.96 24.87
N TYR C 168 -29.71 25.25 24.44
CA TYR C 168 -30.85 24.98 25.30
C TYR C 168 -30.54 23.83 26.24
N TYR C 169 -29.97 22.76 25.69
CA TYR C 169 -29.60 21.59 26.50
C TYR C 169 -28.51 21.97 27.49
N GLU C 170 -27.53 22.71 27.01
CA GLU C 170 -26.42 23.16 27.84
C GLU C 170 -26.88 24.06 28.98
N LYS C 171 -27.88 24.90 28.73
CA LYS C 171 -28.38 25.82 29.76
C LYS C 171 -29.12 25.10 30.89
N THR C 172 -29.97 24.16 30.52
CA THR C 172 -30.73 23.44 31.51
C THR C 172 -30.99 21.99 31.09
N ASN C 173 -31.33 21.16 32.07
CA ASN C 173 -31.61 19.76 31.79
C ASN C 173 -32.80 19.68 30.84
N GLN C 174 -34.02 19.68 31.40
CA GLN C 174 -35.24 19.60 30.61
C GLN C 174 -35.24 18.34 29.73
N SER C 175 -36.08 18.33 28.71
CA SER C 175 -36.17 17.19 27.80
C SER C 175 -36.59 17.68 26.41
N VAL C 176 -35.60 17.89 25.55
CA VAL C 176 -35.84 18.36 24.19
C VAL C 176 -34.60 18.09 23.34
N ARG C 177 -34.29 16.81 23.16
CA ARG C 177 -33.13 16.41 22.39
C ARG C 177 -33.54 16.23 20.93
N GLU C 178 -34.81 15.84 20.75
CA GLU C 178 -35.41 15.57 19.44
C GLU C 178 -35.62 16.74 18.50
N TYR C 179 -35.24 17.94 18.93
CA TYR C 179 -35.44 19.10 18.08
C TYR C 179 -34.38 19.28 17.01
N LEU C 180 -33.54 18.28 16.82
CA LEU C 180 -32.50 18.37 15.79
C LEU C 180 -32.52 17.12 14.94
N ASP C 181 -33.44 16.21 15.26
CA ASP C 181 -33.56 14.95 14.52
C ASP C 181 -34.78 14.81 13.62
N ASP C 182 -35.88 15.46 13.99
CA ASP C 182 -37.11 15.42 13.19
C ASP C 182 -37.31 16.77 12.50
N LYS C 183 -37.00 16.84 11.22
CA LYS C 183 -37.12 18.09 10.44
C LYS C 183 -38.20 19.02 10.95
N GLN C 184 -39.46 18.57 10.88
CA GLN C 184 -40.60 19.37 11.32
C GLN C 184 -40.35 20.16 12.62
N LYS C 185 -39.58 19.60 13.53
CA LYS C 185 -39.32 20.27 14.80
C LYS C 185 -38.17 21.25 14.68
N PHE C 186 -37.18 20.90 13.88
CA PHE C 186 -36.03 21.76 13.68
C PHE C 186 -36.44 23.07 13.03
N GLU C 187 -37.37 23.00 12.08
CA GLU C 187 -37.84 24.18 11.37
C GLU C 187 -38.74 25.05 12.24
N GLY C 188 -39.31 24.44 13.27
CA GLY C 188 -40.16 25.19 14.17
C GLY C 188 -39.28 26.17 14.92
N VAL C 189 -38.10 25.72 15.35
CA VAL C 189 -37.16 26.57 16.07
C VAL C 189 -36.69 27.75 15.22
N ARG C 190 -36.50 27.50 13.92
CA ARG C 190 -36.03 28.54 13.01
C ARG C 190 -37.05 29.67 12.97
N THR C 191 -38.33 29.30 12.87
CA THR C 191 -39.41 30.27 12.80
C THR C 191 -39.44 31.18 14.01
N ALA C 192 -39.30 30.61 15.19
CA ALA C 192 -39.31 31.40 16.40
C ALA C 192 -38.17 32.38 16.38
N LEU C 193 -36.98 31.90 16.05
CA LEU C 193 -35.82 32.78 15.99
C LEU C 193 -35.98 33.88 14.95
N LEU C 194 -36.51 33.51 13.79
CA LEU C 194 -36.72 34.47 12.70
C LEU C 194 -37.69 35.56 13.06
N GLU C 195 -38.75 35.23 13.80
CA GLU C 195 -39.73 36.22 14.20
C GLU C 195 -39.13 37.21 15.18
N GLU C 196 -38.49 36.68 16.22
CA GLU C 196 -37.87 37.49 17.25
C GLU C 196 -36.86 38.44 16.63
N ARG C 197 -36.20 37.96 15.57
CA ARG C 197 -35.20 38.78 14.89
C ARG C 197 -35.84 39.89 14.09
N MET C 198 -36.88 39.57 13.35
CA MET C 198 -37.57 40.59 12.57
C MET C 198 -38.10 41.70 13.49
N VAL C 199 -38.69 41.34 14.62
CA VAL C 199 -39.19 42.35 15.53
C VAL C 199 -38.05 43.29 15.90
N LEU C 200 -36.98 42.73 16.42
CA LEU C 200 -35.83 43.55 16.80
C LEU C 200 -35.27 44.39 15.64
N GLU C 201 -35.45 43.90 14.42
CA GLU C 201 -34.96 44.59 13.23
C GLU C 201 -35.86 45.77 12.88
N THR C 202 -37.17 45.53 12.92
CA THR C 202 -38.13 46.59 12.63
C THR C 202 -37.78 47.74 13.58
N ILE C 203 -37.71 47.44 14.87
CA ILE C 203 -37.36 48.44 15.84
C ILE C 203 -36.05 49.16 15.51
N ASN C 204 -35.01 48.40 15.20
CA ASN C 204 -33.69 48.97 14.88
C ASN C 204 -33.71 49.98 13.71
N HIS C 205 -34.76 49.95 12.90
CA HIS C 205 -34.84 50.86 11.75
C HIS C 205 -35.60 52.17 11.93
N PHE C 206 -36.01 52.50 13.14
CA PHE C 206 -36.77 53.74 13.31
C PHE C 206 -36.29 54.59 14.48
N LYS C 207 -36.70 55.86 14.48
CA LYS C 207 -36.39 56.79 15.56
C LYS C 207 -37.70 57.01 16.35
N PHE C 208 -37.64 56.86 17.67
CA PHE C 208 -38.84 57.01 18.49
C PHE C 208 -38.90 58.26 19.37
N HIS C 209 -40.12 58.71 19.56
CA HIS C 209 -40.35 59.83 20.42
C HIS C 209 -41.35 59.32 21.45
N PHE C 210 -41.10 59.66 22.71
CA PHE C 210 -42.01 59.22 23.77
C PHE C 210 -43.00 60.29 24.18
N ASN C 211 -44.26 59.99 23.97
CA ASN C 211 -45.36 60.89 24.29
C ASN C 211 -45.68 60.92 25.78
N LEU C 212 -44.90 61.63 26.57
CA LEU C 212 -45.16 61.67 28.01
C LEU C 212 -45.84 62.95 28.47
N THR C 213 -45.36 64.08 27.97
CA THR C 213 -45.90 65.39 28.28
C THR C 213 -46.87 65.75 27.18
N GLY C 214 -46.37 65.67 25.95
CA GLY C 214 -47.15 65.94 24.77
C GLY C 214 -46.34 65.49 23.56
N GLN C 215 -47.00 65.41 22.40
CA GLN C 215 -46.33 64.97 21.17
C GLN C 215 -45.39 66.06 20.65
N ILE D 14 25.88 -43.04 -2.86
CA ILE D 14 26.86 -42.66 -3.92
C ILE D 14 27.26 -41.18 -3.83
N PRO D 15 28.57 -40.92 -3.88
CA PRO D 15 29.10 -39.56 -3.78
C PRO D 15 28.46 -38.53 -4.72
N THR D 16 28.42 -37.27 -4.29
CA THR D 16 27.83 -36.19 -5.10
C THR D 16 28.80 -35.06 -5.46
N THR D 17 29.58 -34.61 -4.49
CA THR D 17 30.53 -33.54 -4.72
C THR D 17 31.95 -34.06 -4.81
N GLU D 18 32.10 -35.38 -4.86
CA GLU D 18 33.42 -36.00 -4.97
C GLU D 18 33.32 -37.29 -5.76
N ASN D 19 34.46 -37.77 -6.24
CA ASN D 19 34.49 -39.00 -7.01
C ASN D 19 33.59 -38.91 -8.25
N LEU D 20 33.71 -37.79 -8.97
CA LEU D 20 32.92 -37.57 -10.18
C LEU D 20 33.20 -38.68 -11.19
N TYR D 21 34.46 -39.06 -11.30
CA TYR D 21 34.89 -40.14 -12.19
C TYR D 21 35.47 -41.18 -11.22
N PHE D 22 34.61 -42.11 -10.82
CA PHE D 22 34.93 -43.17 -9.86
C PHE D 22 36.36 -43.71 -9.69
N GLN D 23 36.73 -43.85 -8.42
CA GLN D 23 38.04 -44.29 -7.94
C GLN D 23 38.68 -45.59 -8.46
N GLY D 24 37.91 -46.52 -9.00
CA GLY D 24 38.52 -47.74 -9.48
C GLY D 24 37.70 -48.63 -10.37
N HIS D 25 36.53 -48.15 -10.78
CA HIS D 25 35.69 -48.93 -11.66
C HIS D 25 36.09 -48.68 -13.10
N MET D 26 37.36 -48.35 -13.31
CA MET D 26 37.86 -48.09 -14.65
C MET D 26 37.71 -49.34 -15.49
N ALA D 27 36.58 -49.45 -16.19
CA ALA D 27 36.29 -50.60 -17.06
C ALA D 27 36.79 -50.31 -18.47
N THR D 28 37.57 -51.21 -19.05
CA THR D 28 38.07 -50.95 -20.38
C THR D 28 38.51 -52.13 -21.27
N ASN D 29 37.81 -52.26 -22.39
CA ASN D 29 38.09 -53.25 -23.42
C ASN D 29 37.98 -52.38 -24.67
N LEU D 30 37.61 -51.12 -24.40
CA LEU D 30 37.49 -50.03 -25.37
C LEU D 30 36.78 -50.24 -26.69
N LYS D 31 35.45 -50.14 -26.69
CA LYS D 31 34.68 -50.32 -27.91
C LYS D 31 34.05 -49.04 -28.46
N SER D 32 34.18 -47.95 -27.70
CA SER D 32 33.66 -46.64 -28.11
C SER D 32 34.86 -45.76 -28.46
N THR D 33 34.64 -44.78 -29.33
CA THR D 33 35.73 -43.90 -29.74
C THR D 33 35.66 -42.51 -29.11
N ALA D 34 36.79 -41.81 -29.10
CA ALA D 34 36.85 -40.47 -28.56
C ALA D 34 37.94 -39.69 -29.29
N LYS D 35 37.54 -38.58 -29.92
CA LYS D 35 38.48 -37.72 -30.65
C LYS D 35 38.77 -36.43 -29.92
N LEU D 36 39.93 -35.86 -30.21
CA LEU D 36 40.40 -34.63 -29.57
C LEU D 36 40.15 -33.36 -30.37
N VAL D 37 39.06 -32.68 -30.07
CA VAL D 37 38.71 -31.44 -30.75
C VAL D 37 39.88 -30.47 -30.93
N LYS D 38 40.59 -30.15 -29.85
CA LYS D 38 41.71 -29.22 -29.94
C LYS D 38 42.73 -29.46 -28.85
N PRO D 39 44.00 -29.17 -29.13
CA PRO D 39 45.08 -29.36 -28.15
C PRO D 39 44.72 -28.83 -26.77
N ILE D 40 44.94 -29.64 -25.75
CA ILE D 40 44.65 -29.25 -24.39
C ILE D 40 45.47 -28.00 -24.08
N GLN D 41 44.93 -27.16 -23.21
CA GLN D 41 45.59 -25.92 -22.81
C GLN D 41 46.17 -26.11 -21.42
N TYR D 42 47.34 -26.75 -21.32
CA TYR D 42 47.97 -26.97 -20.02
C TYR D 42 48.49 -25.66 -19.40
N ASP D 43 48.44 -24.57 -20.17
CA ASP D 43 48.90 -23.26 -19.70
C ASP D 43 47.87 -22.57 -18.80
N GLU D 44 46.59 -22.76 -19.11
CA GLU D 44 45.51 -22.18 -18.35
C GLU D 44 45.51 -22.75 -16.94
N VAL D 45 45.59 -21.88 -15.93
CA VAL D 45 45.59 -22.36 -14.54
C VAL D 45 44.15 -22.70 -14.13
N ILE D 46 43.98 -23.79 -13.40
CA ILE D 46 42.66 -24.19 -12.95
C ILE D 46 42.26 -23.33 -11.77
N GLU D 47 41.07 -22.74 -11.82
CA GLU D 47 40.59 -21.91 -10.72
C GLU D 47 39.81 -22.72 -9.69
N VAL D 48 40.20 -22.60 -8.42
CA VAL D 48 39.54 -23.32 -7.34
C VAL D 48 39.06 -22.34 -6.24
N GLU D 49 37.76 -22.31 -6.01
CA GLU D 49 37.27 -21.39 -4.98
C GLU D 49 36.86 -22.13 -3.72
N ARG D 50 36.53 -23.41 -3.87
CA ARG D 50 36.06 -24.19 -2.75
C ARG D 50 36.66 -25.61 -2.73
N ILE D 51 36.71 -26.25 -1.56
CA ILE D 51 37.18 -27.63 -1.46
C ILE D 51 36.06 -28.43 -0.81
N PHE D 52 35.46 -29.36 -1.56
CA PHE D 52 34.37 -30.16 -1.04
C PHE D 52 34.74 -31.42 -0.26
N ALA D 53 34.09 -31.62 0.89
CA ALA D 53 34.33 -32.80 1.74
C ALA D 53 33.03 -33.60 1.83
N ASP D 54 32.69 -34.28 0.75
CA ASP D 54 31.48 -35.08 0.63
C ASP D 54 31.32 -36.21 1.64
N PRO D 55 30.45 -36.03 2.66
CA PRO D 55 30.16 -36.99 3.74
C PRO D 55 30.05 -38.47 3.35
N ALA D 56 29.19 -38.78 2.38
CA ALA D 56 28.99 -40.16 1.94
C ALA D 56 30.26 -40.72 1.35
N PHE D 57 31.04 -39.83 0.76
CA PHE D 57 32.30 -40.21 0.15
C PHE D 57 33.25 -40.64 1.28
N ILE D 58 33.52 -39.76 2.22
CA ILE D 58 34.41 -40.06 3.32
C ILE D 58 34.03 -41.31 4.10
N GLU D 59 32.73 -41.61 4.22
CA GLU D 59 32.31 -42.79 4.96
C GLU D 59 32.71 -44.09 4.26
N GLN D 60 32.61 -44.11 2.95
CA GLN D 60 33.01 -45.28 2.17
C GLN D 60 34.44 -45.55 2.57
N HIS D 61 35.26 -44.52 2.44
CA HIS D 61 36.67 -44.63 2.77
C HIS D 61 36.93 -44.87 4.25
N ARG D 62 36.12 -44.29 5.13
CA ARG D 62 36.31 -44.49 6.57
C ARG D 62 36.15 -45.96 6.87
N GLN D 63 35.04 -46.53 6.41
CA GLN D 63 34.78 -47.95 6.62
C GLN D 63 35.99 -48.72 6.11
N ARG D 64 36.17 -48.67 4.79
CA ARG D 64 37.30 -49.35 4.13
C ARG D 64 38.60 -49.32 4.91
N ILE D 65 39.05 -48.13 5.29
CA ILE D 65 40.31 -48.01 6.02
C ILE D 65 40.26 -48.91 7.25
N LEU D 66 39.32 -48.62 8.14
CA LEU D 66 39.13 -49.35 9.38
C LEU D 66 38.78 -50.82 9.21
N ALA D 67 38.74 -51.27 7.96
CA ALA D 67 38.45 -52.69 7.69
C ALA D 67 39.53 -53.44 8.44
N SER D 68 40.77 -53.08 8.16
CA SER D 68 41.93 -53.67 8.81
C SER D 68 41.74 -53.42 10.32
N PHE D 69 41.83 -54.49 11.10
CA PHE D 69 41.65 -54.42 12.56
C PHE D 69 42.25 -53.19 13.25
N LYS D 70 43.44 -52.76 12.82
CA LYS D 70 44.10 -51.59 13.42
C LYS D 70 43.10 -50.47 13.76
N ASP D 71 43.49 -49.54 14.62
CA ASP D 71 42.60 -48.45 15.05
C ASP D 71 42.70 -47.15 14.25
N ALA D 72 41.88 -46.18 14.65
CA ALA D 72 41.84 -44.87 14.04
C ALA D 72 43.17 -44.17 14.20
N LYS D 73 43.80 -44.39 15.35
CA LYS D 73 45.10 -43.78 15.61
C LYS D 73 46.18 -44.62 14.92
N GLU D 74 45.97 -45.93 14.96
CA GLU D 74 46.91 -46.86 14.34
C GLU D 74 46.89 -46.67 12.84
N SER D 75 45.69 -46.64 12.29
CA SER D 75 45.51 -46.46 10.85
C SER D 75 45.69 -45.02 10.43
N ALA D 76 45.66 -44.10 11.39
CA ALA D 76 45.78 -42.65 11.12
C ALA D 76 44.67 -42.27 10.15
N LEU D 77 43.44 -42.25 10.67
CA LEU D 77 42.24 -41.96 9.86
C LEU D 77 42.08 -40.56 9.25
N TYR D 78 42.33 -39.52 10.01
CA TYR D 78 42.16 -38.19 9.46
C TYR D 78 43.26 -37.88 8.48
N HIS D 79 44.48 -38.30 8.79
CA HIS D 79 45.57 -38.07 7.87
C HIS D 79 45.21 -38.73 6.55
N GLU D 80 44.64 -39.92 6.66
CA GLU D 80 44.26 -40.66 5.50
C GLU D 80 43.06 -40.06 4.77
N LEU D 81 42.03 -39.66 5.50
CA LEU D 81 40.83 -39.11 4.87
C LEU D 81 40.94 -37.68 4.31
N THR D 82 41.71 -36.83 4.98
CA THR D 82 41.87 -35.47 4.47
C THR D 82 42.67 -35.53 3.20
N HIS D 83 43.66 -36.42 3.20
CA HIS D 83 44.50 -36.65 2.02
C HIS D 83 43.66 -37.17 0.86
N ILE D 84 42.82 -38.17 1.10
CA ILE D 84 42.03 -38.73 0.03
C ILE D 84 41.15 -37.67 -0.58
N VAL D 85 40.67 -36.75 0.24
CA VAL D 85 39.78 -35.71 -0.25
C VAL D 85 40.47 -34.63 -1.06
N ILE D 86 41.58 -34.11 -0.57
CA ILE D 86 42.30 -33.07 -1.31
C ILE D 86 42.61 -33.53 -2.73
N LYS D 87 43.15 -34.73 -2.84
CA LYS D 87 43.51 -35.30 -4.13
C LYS D 87 42.30 -35.44 -5.02
N ASP D 88 41.19 -35.86 -4.44
CA ASP D 88 39.99 -36.01 -5.24
C ASP D 88 39.54 -34.68 -5.78
N ASN D 89 39.62 -33.65 -4.93
CA ASN D 89 39.24 -32.30 -5.33
C ASN D 89 40.16 -31.85 -6.44
N LEU D 90 41.47 -31.97 -6.24
CA LEU D 90 42.40 -31.60 -7.29
C LEU D 90 42.08 -32.40 -8.57
N PHE D 91 41.84 -33.70 -8.43
CA PHE D 91 41.58 -34.50 -9.61
C PHE D 91 40.28 -34.15 -10.33
N SER D 92 39.23 -33.78 -9.59
CA SER D 92 37.97 -33.42 -10.25
C SER D 92 38.15 -32.12 -11.02
N CYS D 93 38.77 -31.14 -10.37
CA CYS D 93 39.00 -29.88 -11.04
C CYS D 93 39.79 -30.06 -12.30
N ALA D 94 40.81 -30.90 -12.26
CA ALA D 94 41.65 -31.12 -13.43
C ALA D 94 40.98 -31.88 -14.55
N MET D 95 40.22 -32.92 -14.24
CA MET D 95 39.56 -33.68 -15.28
C MET D 95 38.51 -32.86 -16.02
N ASN D 96 37.90 -31.90 -15.33
CA ASN D 96 36.88 -31.06 -15.96
C ASN D 96 37.53 -30.22 -17.03
N ALA D 97 38.74 -29.77 -16.77
CA ALA D 97 39.44 -28.94 -17.73
C ALA D 97 39.79 -29.82 -18.95
N ILE D 98 40.33 -31.01 -18.68
CA ILE D 98 40.73 -31.98 -19.72
C ILE D 98 39.59 -32.46 -20.59
N VAL D 99 38.56 -32.99 -19.94
CA VAL D 99 37.39 -33.51 -20.62
C VAL D 99 36.73 -32.49 -21.54
N GLY D 100 37.09 -31.23 -21.36
CA GLY D 100 36.51 -30.17 -22.18
C GLY D 100 36.90 -30.20 -23.64
N TYR D 101 38.02 -30.85 -23.95
CA TYR D 101 38.47 -30.89 -25.33
C TYR D 101 38.16 -32.18 -26.08
N PHE D 102 37.18 -32.94 -25.61
CA PHE D 102 36.87 -34.18 -26.29
C PHE D 102 35.44 -34.34 -26.80
N GLU D 103 35.30 -35.21 -27.80
CA GLU D 103 34.03 -35.56 -28.40
C GLU D 103 33.92 -37.06 -28.25
N PHE D 104 32.83 -37.51 -27.62
CA PHE D 104 32.67 -38.93 -27.37
C PHE D 104 31.61 -39.67 -28.16
N ASN D 105 32.03 -40.77 -28.78
CA ASN D 105 31.11 -41.59 -29.53
C ASN D 105 31.02 -42.86 -28.70
N ILE D 106 29.90 -42.98 -27.99
CA ILE D 106 29.64 -44.11 -27.11
C ILE D 106 28.48 -44.97 -27.61
N ASP D 107 28.77 -46.17 -28.10
CA ASP D 107 27.71 -47.03 -28.61
C ASP D 107 26.78 -47.37 -27.44
N GLU D 108 25.50 -47.43 -27.72
CA GLU D 108 24.51 -47.71 -26.68
C GLU D 108 24.68 -49.09 -26.02
N ALA D 109 25.24 -50.04 -26.76
CA ALA D 109 25.44 -51.39 -26.26
C ALA D 109 26.40 -51.48 -25.06
N GLU D 110 27.65 -51.12 -25.30
CA GLU D 110 28.68 -51.15 -24.26
C GLU D 110 28.21 -50.39 -23.01
N LEU D 111 27.56 -49.26 -23.22
CA LEU D 111 27.06 -48.48 -22.10
C LEU D 111 26.11 -49.34 -21.29
N LYS D 112 25.06 -49.82 -21.95
CA LYS D 112 24.06 -50.66 -21.31
C LYS D 112 24.70 -51.80 -20.53
N ASN D 113 25.89 -52.19 -20.94
CA ASN D 113 26.61 -53.27 -20.26
C ASN D 113 27.23 -52.77 -18.98
N VAL D 114 28.01 -51.69 -19.08
CA VAL D 114 28.67 -51.13 -17.90
C VAL D 114 27.63 -50.80 -16.83
N MET D 115 26.45 -50.38 -17.26
CA MET D 115 25.38 -50.05 -16.34
C MET D 115 24.91 -51.32 -15.62
N GLU D 116 24.48 -52.31 -16.41
CA GLU D 116 24.01 -53.58 -15.86
C GLU D 116 25.17 -54.31 -15.20
N GLY D 117 26.07 -53.52 -14.62
CA GLY D 117 27.25 -54.03 -13.94
C GLY D 117 27.40 -53.29 -12.61
N LEU D 118 26.93 -52.06 -12.56
CA LEU D 118 27.02 -51.26 -11.34
C LEU D 118 25.72 -51.34 -10.52
N GLY D 125 25.66 -49.56 -6.51
CA GLY D 125 24.60 -48.69 -7.02
C GLY D 125 23.22 -49.32 -6.80
N ALA D 126 22.17 -48.52 -6.93
CA ALA D 126 20.79 -49.01 -6.74
C ALA D 126 19.67 -48.07 -7.22
N GLU D 127 20.02 -46.83 -7.61
CA GLU D 127 19.02 -45.88 -8.08
C GLU D 127 18.61 -46.19 -9.53
N ASP D 128 18.26 -45.16 -10.31
CA ASP D 128 17.83 -45.38 -11.69
C ASP D 128 18.63 -44.64 -12.78
N ASN D 129 18.13 -43.46 -13.15
CA ASN D 129 18.74 -42.62 -14.19
C ASN D 129 20.20 -42.32 -13.90
N THR D 130 20.54 -42.21 -12.62
CA THR D 130 21.91 -41.92 -12.21
C THR D 130 22.88 -42.98 -12.70
N VAL D 131 22.39 -44.20 -12.91
CA VAL D 131 23.22 -45.30 -13.38
C VAL D 131 23.87 -44.99 -14.73
N GLN D 132 23.13 -44.31 -15.60
CA GLN D 132 23.65 -43.95 -16.91
C GLN D 132 24.63 -42.80 -16.74
N ALA D 133 24.56 -42.12 -15.60
CA ALA D 133 25.43 -41.00 -15.31
C ALA D 133 26.79 -41.54 -14.96
N ILE D 134 26.81 -42.32 -13.88
CA ILE D 134 28.03 -42.93 -13.40
C ILE D 134 28.70 -43.72 -14.52
N ALA D 135 27.92 -44.60 -15.14
CA ALA D 135 28.42 -45.43 -16.22
C ALA D 135 29.16 -44.63 -17.28
N GLU D 136 28.52 -43.57 -17.77
CA GLU D 136 29.11 -42.74 -18.81
C GLU D 136 30.40 -42.07 -18.36
N LYS D 137 30.47 -41.73 -17.08
CA LYS D 137 31.67 -41.10 -16.55
C LYS D 137 32.82 -42.10 -16.55
N ILE D 138 32.50 -43.34 -16.19
CA ILE D 138 33.47 -44.41 -16.16
C ILE D 138 34.10 -44.55 -17.55
N ILE D 139 33.26 -44.70 -18.56
CA ILE D 139 33.72 -44.84 -19.95
C ILE D 139 34.45 -43.60 -20.43
N LYS D 140 33.83 -42.45 -20.30
CA LYS D 140 34.46 -41.21 -20.73
C LYS D 140 35.85 -41.11 -20.10
N LYS D 141 35.96 -41.48 -18.83
CA LYS D 141 37.26 -41.41 -18.14
C LYS D 141 38.25 -42.33 -18.85
N ALA D 142 37.86 -43.58 -19.01
CA ALA D 142 38.71 -44.56 -19.67
C ALA D 142 39.24 -44.01 -20.97
N LEU D 143 38.33 -43.74 -21.92
CA LEU D 143 38.70 -43.20 -23.23
C LEU D 143 39.71 -42.07 -23.13
N VAL D 144 39.63 -41.28 -22.07
CA VAL D 144 40.57 -40.18 -21.92
C VAL D 144 41.91 -40.65 -21.39
N PHE D 145 41.93 -41.48 -20.36
CA PHE D 145 43.19 -41.97 -19.82
C PHE D 145 43.89 -42.72 -20.94
N ASN D 146 43.14 -43.57 -21.62
CA ASN D 146 43.74 -44.31 -22.69
C ASN D 146 44.33 -43.37 -23.71
N HIS D 147 43.57 -42.40 -24.17
CA HIS D 147 44.10 -41.46 -25.15
C HIS D 147 45.34 -40.73 -24.63
N LEU D 148 45.27 -40.22 -23.40
CA LEU D 148 46.41 -39.49 -22.83
C LEU D 148 47.61 -40.34 -22.45
N GLN D 149 47.36 -41.60 -22.14
CA GLN D 149 48.41 -42.53 -21.76
C GLN D 149 49.51 -42.51 -22.81
N LYS D 150 49.12 -42.53 -24.07
CA LYS D 150 50.05 -42.51 -25.19
C LYS D 150 50.75 -41.15 -25.28
N GLU D 151 49.97 -40.07 -25.28
CA GLU D 151 50.50 -38.71 -25.36
C GLU D 151 51.57 -38.52 -24.28
N TRP D 152 51.17 -38.66 -23.02
CA TRP D 152 52.08 -38.50 -21.89
C TRP D 152 53.15 -39.58 -21.81
N LYS D 153 52.96 -40.66 -22.56
CA LYS D 153 53.91 -41.78 -22.56
C LYS D 153 54.05 -42.35 -21.15
N VAL D 154 52.97 -42.96 -20.68
CA VAL D 154 52.95 -43.54 -19.36
C VAL D 154 52.83 -45.06 -19.44
N GLU D 155 53.70 -45.76 -18.72
CA GLU D 155 53.66 -47.22 -18.73
C GLU D 155 53.79 -47.82 -17.34
N ILE D 156 53.07 -48.90 -17.08
CA ILE D 156 53.26 -49.61 -15.81
C ILE D 156 53.91 -50.91 -16.23
N THR D 157 55.14 -51.13 -15.79
CA THR D 157 55.85 -52.35 -16.19
C THR D 157 55.71 -53.49 -15.24
N ASP D 158 55.82 -54.69 -15.81
CA ASP D 158 55.73 -55.94 -15.07
C ASP D 158 56.57 -55.88 -13.79
N GLU D 159 57.75 -55.31 -13.87
CA GLU D 159 58.58 -55.20 -12.70
C GLU D 159 57.77 -54.54 -11.58
N VAL D 160 57.20 -53.39 -11.91
CA VAL D 160 56.40 -52.62 -10.95
C VAL D 160 55.19 -53.41 -10.44
N VAL D 161 54.43 -54.01 -11.34
CA VAL D 161 53.28 -54.76 -10.90
C VAL D 161 53.73 -55.81 -9.93
N LYS D 162 54.83 -56.49 -10.27
CA LYS D 162 55.39 -57.56 -9.46
C LYS D 162 55.85 -57.03 -8.10
N ASN D 163 56.44 -55.84 -8.08
CA ASN D 163 56.94 -55.26 -6.84
C ASN D 163 55.82 -54.79 -5.95
N VAL D 164 54.71 -54.37 -6.56
CA VAL D 164 53.58 -53.92 -5.76
C VAL D 164 52.91 -55.16 -5.19
N ILE D 165 52.87 -56.26 -5.95
CA ILE D 165 52.27 -57.50 -5.45
C ILE D 165 53.05 -57.95 -4.21
N SER D 166 54.37 -57.90 -4.29
CA SER D 166 55.17 -58.32 -3.14
C SER D 166 55.10 -57.39 -1.95
N LEU D 167 54.96 -56.10 -2.21
CA LEU D 167 54.85 -55.12 -1.14
C LEU D 167 53.55 -55.33 -0.37
N TYR D 168 52.46 -55.56 -1.08
CA TYR D 168 51.17 -55.77 -0.43
C TYR D 168 51.15 -56.95 0.53
N TYR D 169 51.93 -58.01 0.26
CA TYR D 169 51.95 -59.17 1.15
C TYR D 169 53.37 -59.43 1.68
N SER D 175 49.86 -67.23 -0.87
CA SER D 175 49.66 -65.78 -0.77
C SER D 175 50.04 -65.11 -2.09
N VAL D 176 51.25 -64.58 -2.16
CA VAL D 176 51.75 -63.91 -3.37
C VAL D 176 51.69 -64.82 -4.58
N ARG D 177 52.10 -66.06 -4.36
CA ARG D 177 52.12 -67.08 -5.39
C ARG D 177 50.87 -67.08 -6.30
N GLU D 178 49.75 -66.58 -5.80
CA GLU D 178 48.52 -66.59 -6.58
C GLU D 178 48.35 -65.46 -7.58
N TYR D 179 48.72 -64.25 -7.18
CA TYR D 179 48.59 -63.12 -8.10
C TYR D 179 49.72 -63.17 -9.11
N LEU D 180 50.68 -64.05 -8.87
CA LEU D 180 51.81 -64.22 -9.75
C LEU D 180 51.53 -65.27 -10.80
N ASP D 181 50.64 -66.21 -10.48
CA ASP D 181 50.33 -67.27 -11.43
C ASP D 181 49.14 -67.00 -12.33
N ASP D 182 48.09 -66.38 -11.78
CA ASP D 182 46.90 -66.06 -12.58
C ASP D 182 47.15 -64.80 -13.40
N LYS D 183 47.19 -64.95 -14.73
CA LYS D 183 47.41 -63.80 -15.60
C LYS D 183 46.36 -62.70 -15.37
N GLN D 184 45.10 -63.09 -15.27
CA GLN D 184 44.05 -62.11 -15.07
C GLN D 184 44.23 -61.35 -13.76
N LYS D 185 44.67 -62.02 -12.70
CA LYS D 185 44.86 -61.34 -11.43
C LYS D 185 46.06 -60.39 -11.46
N PHE D 186 47.01 -60.68 -12.34
CA PHE D 186 48.21 -59.87 -12.46
C PHE D 186 47.91 -58.58 -13.22
N GLU D 187 47.11 -58.71 -14.27
CA GLU D 187 46.70 -57.57 -15.05
C GLU D 187 45.82 -56.69 -14.20
N GLY D 188 45.24 -57.29 -13.17
CA GLY D 188 44.37 -56.56 -12.26
C GLY D 188 45.20 -55.53 -11.54
N VAL D 189 46.26 -56.00 -10.89
CA VAL D 189 47.13 -55.10 -10.18
C VAL D 189 47.67 -54.04 -11.15
N ARG D 190 47.81 -54.39 -12.41
CA ARG D 190 48.31 -53.42 -13.36
C ARG D 190 47.28 -52.36 -13.72
N THR D 191 46.02 -52.74 -13.90
CA THR D 191 45.03 -51.73 -14.24
C THR D 191 44.81 -50.79 -13.06
N ALA D 192 44.95 -51.29 -11.84
CA ALA D 192 44.78 -50.42 -10.70
C ALA D 192 45.93 -49.44 -10.67
N LEU D 193 47.15 -49.95 -10.76
CA LEU D 193 48.31 -49.09 -10.73
C LEU D 193 48.29 -48.07 -11.88
N LEU D 194 47.69 -48.42 -13.00
CA LEU D 194 47.62 -47.51 -14.13
C LEU D 194 46.70 -46.35 -13.80
N GLU D 195 45.58 -46.64 -13.15
CA GLU D 195 44.66 -45.58 -12.83
C GLU D 195 45.24 -44.60 -11.82
N GLU D 196 45.75 -45.10 -10.71
CA GLU D 196 46.31 -44.17 -9.75
C GLU D 196 47.41 -43.34 -10.37
N ARG D 197 48.14 -43.95 -11.30
CA ARG D 197 49.26 -43.31 -11.98
C ARG D 197 48.67 -42.20 -12.83
N MET D 198 47.62 -42.52 -13.59
CA MET D 198 46.99 -41.53 -14.42
C MET D 198 46.35 -40.39 -13.61
N VAL D 199 45.85 -40.66 -12.41
CA VAL D 199 45.26 -39.59 -11.60
C VAL D 199 46.36 -38.62 -11.18
N LEU D 200 47.43 -39.15 -10.63
CA LEU D 200 48.55 -38.32 -10.21
C LEU D 200 49.12 -37.55 -11.40
N GLU D 201 49.08 -38.18 -12.57
CA GLU D 201 49.63 -37.58 -13.76
C GLU D 201 48.80 -36.39 -14.22
N THR D 202 47.48 -36.55 -14.26
CA THR D 202 46.59 -35.46 -14.64
C THR D 202 46.81 -34.24 -13.73
N ILE D 203 46.85 -34.47 -12.43
CA ILE D 203 47.02 -33.35 -11.53
C ILE D 203 48.35 -32.69 -11.79
N ASN D 204 49.29 -33.42 -12.36
CA ASN D 204 50.60 -32.83 -12.60
C ASN D 204 50.67 -31.90 -13.80
N HIS D 205 49.80 -32.13 -14.79
CA HIS D 205 49.77 -31.31 -16.00
C HIS D 205 48.94 -30.02 -15.90
N PHE D 206 48.94 -29.38 -14.73
CA PHE D 206 48.17 -28.15 -14.54
C PHE D 206 48.63 -27.35 -13.36
N LYS D 207 48.38 -26.05 -13.43
CA LYS D 207 48.72 -25.13 -12.35
C LYS D 207 47.39 -24.77 -11.69
N PHE D 208 47.43 -24.58 -10.38
CA PHE D 208 46.21 -24.27 -9.66
C PHE D 208 46.25 -22.95 -8.94
N HIS D 209 45.14 -22.24 -9.01
CA HIS D 209 45.03 -20.99 -8.31
C HIS D 209 43.87 -21.14 -7.33
N PHE D 210 44.15 -20.85 -6.07
CA PHE D 210 43.16 -20.97 -5.02
C PHE D 210 42.70 -19.66 -4.41
N ASN D 211 41.42 -19.34 -4.56
CA ASN D 211 40.90 -18.16 -3.92
C ASN D 211 39.97 -18.68 -2.83
N LEU D 212 40.42 -18.65 -1.59
CA LEU D 212 39.59 -19.17 -0.51
C LEU D 212 39.07 -18.04 0.36
N THR D 213 39.00 -16.85 -0.23
CA THR D 213 38.53 -15.66 0.47
C THR D 213 37.04 -15.66 0.85
N GLY D 214 36.65 -16.72 1.58
CA GLY D 214 35.28 -16.88 2.08
C GLY D 214 35.36 -16.49 3.57
N GLN D 215 36.28 -15.57 3.85
CA GLN D 215 36.51 -15.08 5.20
C GLN D 215 35.43 -14.05 5.58
N LEU D 216 35.13 -13.97 6.86
CA LEU D 216 34.12 -13.05 7.39
C LEU D 216 34.64 -11.63 7.33
N PRO D 217 34.38 -10.96 6.21
CA PRO D 217 34.83 -9.58 6.01
C PRO D 217 34.04 -8.87 4.89
#